data_7O2P
#
_entry.id   7O2P
#
_cell.length_a   48.483
_cell.length_b   90.753
_cell.length_c   71.964
_cell.angle_alpha   90.000
_cell.angle_beta   95.640
_cell.angle_gamma   90.000
#
_symmetry.space_group_name_H-M   'P 1 21 1'
#
loop_
_entity.id
_entity.type
_entity.pdbx_description
1 polymer 'Histone deacetylase 6'
2 non-polymer ~{N}-oxidanyl-4-[(5-thiophen-2-yl-1,2,3,4-tetrazol-1-yl)methyl]benzamide
3 non-polymer 'ZINC ION'
4 non-polymer 'POTASSIUM ION'
5 non-polymer 'IODIDE ION'
6 non-polymer GLYCEROL
7 non-polymer DI(HYDROXYETHYL)ETHER
8 non-polymer 1,2-ETHANEDIOL
9 non-polymer 2-[3-(2-HYDROXY-1,1-DIHYDROXYMETHYL-ETHYLAMINO)-PROPYLAMINO]-2-HYDROXYMETHYL-PROPANE-1,3-DIOL
10 water water
#
_entity_poly.entity_id   1
_entity_poly.type   'polypeptide(L)'
_entity_poly.pdbx_seq_one_letter_code
;GSNAGGSSPITGLVYDQRMMLHHNMWDSHHPELPQRISRIFSRHEELRLLSRCHRIPARLATEEELALCHSSKHISIIKS
SEHMKPRDLNRLGDEYNSIFISNESYTCALLAAGSCFNSAQAILTGQVRNAVAIVRPPGHHAEKDTACGFCFFNTAALTA
RYAQSITRESLRVLIVDWDVHHGNGTQHIFEEDDSVLYISLHRYEDGAFFPNSEDANYDKVGLGKGRGYNVNIPWNGGKM
GDPEYMAAFHHLVMPIAREFAPELVLVSAGFDAARGDPLGGFQVTPEGYAHLTHQLMSLAAGRVLIILEGGYNLTSISES
MSMCTSMLLGDSPPSLDHLTPLKTSATVSINNVLRAHAPFWSSLR
;
_entity_poly.pdbx_strand_id   A,B
#
loop_
_chem_comp.id
_chem_comp.type
_chem_comp.name
_chem_comp.formula
B3P non-polymer 2-[3-(2-HYDROXY-1,1-DIHYDROXYMETHYL-ETHYLAMINO)-PROPYLAMINO]-2-HYDROXYMETHYL-PROPANE-1,3-DIOL 'C11 H26 N2 O6'
EDO non-polymer 1,2-ETHANEDIOL 'C2 H6 O2'
GOL non-polymer GLYCEROL 'C3 H8 O3'
IOD non-polymer 'IODIDE ION' 'I -1'
K non-polymer 'POTASSIUM ION' 'K 1'
PEG non-polymer DI(HYDROXYETHYL)ETHER 'C4 H10 O3'
UZW non-polymer ~{N}-oxidanyl-4-[(5-thiophen-2-yl-1,2,3,4-tetrazol-1-yl)methyl]benzamide 'C13 H11 N5 O2 S'
ZN non-polymer 'ZINC ION' 'Zn 2'
#
# COMPACT_ATOMS: atom_id res chain seq x y z
N PRO A 9 -2.02 37.53 -5.75
CA PRO A 9 -0.91 37.63 -6.74
C PRO A 9 -1.30 37.43 -8.22
N ILE A 10 -0.35 37.66 -9.15
CA ILE A 10 -0.45 37.26 -10.58
C ILE A 10 0.12 35.82 -10.69
N THR A 11 -0.71 34.91 -11.19
CA THR A 11 -0.55 33.43 -11.11
C THR A 11 -0.51 32.84 -12.52
N GLY A 12 0.56 32.12 -12.85
CA GLY A 12 0.66 31.41 -14.13
C GLY A 12 -0.04 30.07 -14.04
N LEU A 13 -0.49 29.55 -15.19
CA LEU A 13 -1.04 28.18 -15.31
C LEU A 13 -0.56 27.58 -16.64
N VAL A 14 -0.05 26.36 -16.60
CA VAL A 14 0.30 25.67 -17.85
C VAL A 14 -0.46 24.34 -17.90
N TYR A 15 -1.11 24.08 -19.02
CA TYR A 15 -1.82 22.82 -19.32
C TYR A 15 -1.76 22.61 -20.83
N ASP A 16 -1.51 21.37 -21.24
CA ASP A 16 -1.53 20.97 -22.66
C ASP A 16 -2.17 19.59 -22.77
N GLN A 17 -3.20 19.46 -23.62
CA GLN A 17 -4.02 18.23 -23.78
C GLN A 17 -3.16 17.14 -24.42
N ARG A 18 -2.11 17.52 -25.13
CA ARG A 18 -1.18 16.53 -25.74
C ARG A 18 -0.65 15.58 -24.67
N MET A 19 -0.52 16.02 -23.41
CA MET A 19 0.07 15.18 -22.31
C MET A 19 -0.87 14.03 -21.95
N MET A 20 -2.08 14.05 -22.47
CA MET A 20 -3.06 12.97 -22.32
C MET A 20 -2.72 11.77 -23.21
N LEU A 21 -1.88 11.91 -24.24
CA LEU A 21 -1.63 10.81 -25.22
C LEU A 21 -0.96 9.62 -24.54
N HIS A 22 -0.09 9.85 -23.56
CA HIS A 22 0.60 8.79 -22.78
C HIS A 22 -0.44 7.91 -22.11
N HIS A 23 -0.43 6.62 -22.40
CA HIS A 23 -1.50 5.69 -21.97
C HIS A 23 -0.93 4.29 -21.80
N ASN A 24 -1.61 3.48 -20.99
CA ASN A 24 -1.29 2.05 -20.78
C ASN A 24 -2.08 1.24 -21.82
N MET A 25 -1.42 0.70 -22.84
CA MET A 25 -2.20 0.06 -23.92
C MET A 25 -2.67 -1.35 -23.52
N TRP A 26 -2.18 -1.92 -22.42
CA TRP A 26 -2.59 -3.28 -21.93
C TRP A 26 -3.65 -3.19 -20.84
N ASP A 27 -3.79 -2.04 -20.19
CA ASP A 27 -4.63 -1.87 -18.97
C ASP A 27 -5.08 -0.41 -18.92
N SER A 28 -6.25 -0.09 -19.45
CA SER A 28 -6.76 1.30 -19.56
C SER A 28 -7.41 1.74 -18.23
N HIS A 29 -7.46 0.86 -17.23
CA HIS A 29 -7.96 1.16 -15.85
C HIS A 29 -6.80 1.55 -14.92
N HIS A 30 -5.57 1.56 -15.45
CA HIS A 30 -4.36 1.89 -14.67
C HIS A 30 -4.56 3.29 -14.13
N PRO A 31 -4.32 3.52 -12.82
CA PRO A 31 -4.71 4.77 -12.19
C PRO A 31 -4.13 6.05 -12.81
N GLU A 32 -2.95 5.96 -13.44
CA GLU A 32 -2.25 7.14 -14.01
C GLU A 32 -2.86 7.36 -15.41
N LEU A 33 -4.08 7.88 -15.38
CA LEU A 33 -5.02 8.07 -16.52
C LEU A 33 -4.78 9.42 -17.19
N PRO A 34 -4.89 9.46 -18.53
CA PRO A 34 -4.91 10.72 -19.29
C PRO A 34 -5.87 11.78 -18.71
N GLN A 35 -7.06 11.36 -18.28
CA GLN A 35 -8.10 12.31 -17.82
C GLN A 35 -7.73 12.90 -16.45
N ARG A 36 -6.64 12.50 -15.78
CA ARG A 36 -6.12 13.20 -14.56
C ARG A 36 -5.95 14.70 -14.87
N ILE A 37 -5.25 15.05 -15.96
CA ILE A 37 -4.96 16.48 -16.25
C ILE A 37 -6.19 17.19 -16.87
N SER A 38 -6.94 16.49 -17.74
CA SER A 38 -8.16 17.04 -18.39
C SER A 38 -9.21 17.38 -17.33
N ARG A 39 -9.34 16.56 -16.27
CA ARG A 39 -10.31 16.81 -15.18
C ARG A 39 -9.82 17.95 -14.28
N ILE A 40 -8.55 17.98 -13.91
CA ILE A 40 -8.03 19.10 -13.09
C ILE A 40 -8.31 20.41 -13.84
N PHE A 41 -8.05 20.43 -15.15
CA PHE A 41 -8.09 21.65 -16.00
C PHE A 41 -9.54 22.07 -16.13
N SER A 42 -10.41 21.13 -16.50
CA SER A 42 -11.86 21.33 -16.59
C SER A 42 -12.40 21.98 -15.29
N ARG A 43 -12.01 21.46 -14.12
CA ARG A 43 -12.49 21.95 -12.79
C ARG A 43 -12.02 23.39 -12.53
N HIS A 44 -10.85 23.77 -13.06
CA HIS A 44 -10.32 25.17 -13.06
C HIS A 44 -11.22 26.09 -13.91
N GLU A 45 -11.66 25.62 -15.09
CA GLU A 45 -12.68 26.32 -15.92
C GLU A 45 -14.01 26.43 -15.13
N GLU A 46 -14.48 25.31 -14.58
CA GLU A 46 -15.77 25.23 -13.84
C GLU A 46 -15.78 26.21 -12.66
N LEU A 47 -14.66 26.37 -11.96
CA LEU A 47 -14.54 27.27 -10.78
C LEU A 47 -14.16 28.67 -11.24
N ARG A 48 -13.99 28.85 -12.56
CA ARG A 48 -13.57 30.10 -13.27
C ARG A 48 -12.25 30.60 -12.69
N LEU A 49 -11.34 29.70 -12.34
CA LEU A 49 -9.99 30.07 -11.89
C LEU A 49 -9.15 30.40 -13.12
N LEU A 50 -9.42 29.73 -14.24
CA LEU A 50 -8.61 29.80 -15.48
C LEU A 50 -8.54 31.25 -15.98
N SER A 51 -9.69 31.93 -16.09
CA SER A 51 -9.80 33.36 -16.49
C SER A 51 -9.01 34.32 -15.57
N ARG A 52 -8.63 33.90 -14.37
CA ARG A 52 -7.89 34.75 -13.39
C ARG A 52 -6.37 34.49 -13.51
N CYS A 53 -5.97 33.49 -14.31
CA CYS A 53 -4.57 33.01 -14.46
C CYS A 53 -3.97 33.53 -15.76
N HIS A 54 -2.65 33.71 -15.80
CA HIS A 54 -1.90 33.97 -17.06
C HIS A 54 -1.58 32.60 -17.66
N ARG A 55 -2.13 32.31 -18.84
CA ARG A 55 -1.86 31.05 -19.54
C ARG A 55 -0.40 31.05 -20.04
N ILE A 56 0.43 30.14 -19.53
CA ILE A 56 1.84 29.89 -19.97
C ILE A 56 1.82 28.76 -20.99
N PRO A 57 2.40 28.96 -22.18
CA PRO A 57 2.42 27.89 -23.19
C PRO A 57 3.30 26.74 -22.73
N ALA A 58 2.87 25.52 -23.03
CA ALA A 58 3.64 24.27 -22.90
C ALA A 58 4.77 24.30 -23.93
N ARG A 59 5.76 23.43 -23.80
CA ARG A 59 6.81 23.28 -24.83
C ARG A 59 7.53 21.98 -24.52
N LEU A 60 8.21 21.40 -25.50
CA LEU A 60 9.05 20.20 -25.28
C LEU A 60 10.33 20.67 -24.62
N ALA A 61 10.72 20.07 -23.50
CA ALA A 61 12.11 20.10 -23.04
C ALA A 61 12.98 19.61 -24.20
N THR A 62 14.24 20.07 -24.26
CA THR A 62 15.30 19.58 -25.20
C THR A 62 16.07 18.44 -24.54
N GLU A 63 16.75 17.57 -25.31
CA GLU A 63 17.63 16.51 -24.73
C GLU A 63 18.74 17.15 -23.87
N GLU A 64 19.19 18.34 -24.26
CA GLU A 64 20.20 19.13 -23.50
C GLU A 64 19.66 19.41 -22.10
N GLU A 65 18.37 19.78 -21.99
CA GLU A 65 17.76 20.16 -20.69
C GLU A 65 17.55 18.91 -19.83
N LEU A 66 17.11 17.80 -20.44
CA LEU A 66 16.99 16.48 -19.75
C LEU A 66 18.34 16.11 -19.12
N ALA A 67 19.44 16.40 -19.81
CA ALA A 67 20.81 16.08 -19.38
C ALA A 67 21.20 16.89 -18.12
N LEU A 68 20.46 17.96 -17.79
CA LEU A 68 20.64 18.66 -16.49
C LEU A 68 20.63 17.68 -15.32
N CYS A 69 19.91 16.56 -15.43
CA CYS A 69 19.74 15.57 -14.34
C CYS A 69 19.85 14.12 -14.80
N HIS A 70 19.64 13.81 -16.08
CA HIS A 70 19.60 12.41 -16.56
C HIS A 70 20.81 12.11 -17.47
N SER A 71 21.20 10.84 -17.50
CA SER A 71 22.29 10.31 -18.36
C SER A 71 21.81 10.23 -19.82
N SER A 72 22.79 10.12 -20.73
CA SER A 72 22.62 9.92 -22.20
C SER A 72 21.94 8.59 -22.45
N LYS A 73 22.47 7.54 -21.83
CA LYS A 73 21.90 6.18 -21.81
C LYS A 73 20.39 6.30 -21.59
N HIS A 74 19.97 6.82 -20.43
CA HIS A 74 18.54 6.88 -20.01
C HIS A 74 17.72 7.70 -21.00
N ILE A 75 18.19 8.89 -21.39
CA ILE A 75 17.46 9.80 -22.32
C ILE A 75 17.27 9.04 -23.64
N SER A 76 18.35 8.40 -24.10
CA SER A 76 18.42 7.64 -25.38
C SER A 76 17.43 6.48 -25.38
N ILE A 77 17.36 5.69 -24.31
CA ILE A 77 16.46 4.50 -24.21
C ILE A 77 14.99 4.95 -24.23
N ILE A 78 14.63 5.97 -23.45
CA ILE A 78 13.20 6.44 -23.41
C ILE A 78 12.88 7.03 -24.78
N LYS A 79 13.83 7.74 -25.42
CA LYS A 79 13.58 8.34 -26.76
C LYS A 79 13.31 7.22 -27.78
N SER A 80 14.00 6.08 -27.67
CA SER A 80 13.86 4.96 -28.64
C SER A 80 12.46 4.33 -28.54
N SER A 81 11.68 4.60 -27.50
CA SER A 81 10.32 3.99 -27.30
C SER A 81 9.34 4.55 -28.32
N GLU A 82 9.54 5.78 -28.79
CA GLU A 82 8.67 6.46 -29.79
C GLU A 82 8.34 5.52 -30.93
N HIS A 83 9.29 4.65 -31.33
CA HIS A 83 9.24 3.88 -32.59
C HIS A 83 9.11 2.37 -32.38
N MET A 84 8.68 1.91 -31.20
CA MET A 84 8.59 0.47 -30.87
C MET A 84 7.17 -0.07 -31.11
N LYS A 85 7.09 -1.31 -31.63
CA LYS A 85 5.92 -2.23 -31.60
C LYS A 85 5.47 -2.45 -30.17
N PRO A 86 4.15 -2.68 -29.93
CA PRO A 86 3.64 -2.96 -28.58
C PRO A 86 4.46 -3.98 -27.78
N ARG A 87 4.82 -5.13 -28.34
CA ARG A 87 5.57 -6.21 -27.63
C ARG A 87 6.93 -5.69 -27.17
N ASP A 88 7.54 -4.75 -27.88
CA ASP A 88 8.82 -4.10 -27.46
C ASP A 88 8.54 -3.07 -26.37
N LEU A 89 7.49 -2.24 -26.53
CA LEU A 89 7.04 -1.32 -25.46
C LEU A 89 6.79 -2.11 -24.16
N ASN A 90 5.97 -3.18 -24.23
CA ASN A 90 5.64 -4.05 -23.06
C ASN A 90 6.94 -4.48 -22.38
N ARG A 91 7.92 -4.99 -23.14
CA ARG A 91 9.17 -5.60 -22.59
C ARG A 91 10.10 -4.51 -22.08
N LEU A 92 10.11 -3.32 -22.70
CA LEU A 92 10.93 -2.18 -22.23
C LEU A 92 10.41 -1.71 -20.85
N GLY A 93 9.10 -1.57 -20.72
CA GLY A 93 8.50 -1.14 -19.46
C GLY A 93 8.70 -2.15 -18.35
N ASP A 94 8.79 -3.45 -18.68
CA ASP A 94 9.03 -4.54 -17.69
C ASP A 94 10.46 -4.45 -17.17
N GLU A 95 11.33 -3.67 -17.83
CA GLU A 95 12.71 -3.44 -17.35
C GLU A 95 12.67 -2.48 -16.15
N TYR A 96 11.59 -1.72 -15.97
CA TYR A 96 11.53 -0.74 -14.86
C TYR A 96 10.58 -1.23 -13.77
N ASN A 97 10.58 -0.53 -12.64
CA ASN A 97 9.63 -0.78 -11.52
C ASN A 97 8.40 0.12 -11.77
N SER A 98 7.27 -0.47 -12.13
CA SER A 98 5.96 0.23 -12.27
C SER A 98 6.05 1.30 -13.37
N ILE A 99 6.38 0.88 -14.59
CA ILE A 99 6.40 1.73 -15.82
C ILE A 99 5.60 1.06 -16.95
N PHE A 100 4.65 1.80 -17.50
CA PHE A 100 4.04 1.46 -18.82
C PHE A 100 4.48 2.53 -19.81
N ILE A 101 4.64 2.13 -21.07
CA ILE A 101 5.13 2.99 -22.18
C ILE A 101 4.26 2.77 -23.42
N SER A 102 3.92 3.89 -24.08
CA SER A 102 3.28 4.01 -25.42
C SER A 102 4.22 4.83 -26.32
N ASN A 103 3.90 4.99 -27.59
CA ASN A 103 4.76 5.67 -28.59
C ASN A 103 4.83 7.16 -28.27
N GLU A 104 3.86 7.65 -27.50
CA GLU A 104 3.67 9.08 -27.13
C GLU A 104 4.30 9.39 -25.77
N SER A 105 4.88 8.43 -25.05
CA SER A 105 5.25 8.64 -23.61
C SER A 105 6.38 9.66 -23.52
N TYR A 106 7.43 9.49 -24.33
CA TYR A 106 8.59 10.41 -24.46
C TYR A 106 8.13 11.85 -24.69
N THR A 107 7.30 12.06 -25.70
CA THR A 107 6.76 13.39 -26.04
C THR A 107 6.09 14.00 -24.81
N CYS A 108 5.28 13.21 -24.11
CA CYS A 108 4.50 13.68 -22.94
C CYS A 108 5.43 14.08 -21.80
N ALA A 109 6.44 13.26 -21.51
CA ALA A 109 7.48 13.54 -20.49
C ALA A 109 8.21 14.84 -20.86
N LEU A 110 8.61 14.99 -22.12
CA LEU A 110 9.16 16.24 -22.70
C LEU A 110 8.21 17.39 -22.39
N LEU A 111 6.91 17.23 -22.67
CA LEU A 111 5.90 18.30 -22.49
C LEU A 111 5.78 18.65 -20.99
N ALA A 112 5.74 17.66 -20.11
CA ALA A 112 5.69 17.88 -18.64
C ALA A 112 6.85 18.79 -18.18
N ALA A 113 8.08 18.48 -18.60
CA ALA A 113 9.30 19.21 -18.21
C ALA A 113 9.33 20.62 -18.84
N GLY A 114 9.09 20.73 -20.14
CA GLY A 114 9.11 22.02 -20.86
C GLY A 114 8.09 22.97 -20.28
N SER A 115 6.93 22.45 -19.90
CA SER A 115 5.80 23.22 -19.32
C SER A 115 6.29 23.83 -18.02
N CYS A 116 7.01 23.02 -17.24
CA CYS A 116 7.54 23.45 -15.94
C CYS A 116 8.72 24.42 -16.14
N PHE A 117 9.53 24.25 -17.17
CA PHE A 117 10.65 25.18 -17.46
C PHE A 117 10.08 26.55 -17.86
N ASN A 118 9.11 26.58 -18.77
CA ASN A 118 8.44 27.86 -19.12
C ASN A 118 7.86 28.51 -17.86
N SER A 119 7.38 27.72 -16.89
CA SER A 119 6.65 28.26 -15.72
C SER A 119 7.67 28.88 -14.76
N ALA A 120 8.77 28.18 -14.50
CA ALA A 120 9.94 28.65 -13.73
C ALA A 120 10.47 29.93 -14.36
N GLN A 121 10.56 29.98 -15.69
CA GLN A 121 11.07 31.17 -16.42
C GLN A 121 10.13 32.37 -16.24
N ALA A 122 8.82 32.17 -16.40
CA ALA A 122 7.80 33.22 -16.20
C ALA A 122 7.92 33.79 -14.79
N ILE A 123 8.17 32.91 -13.80
CA ILE A 123 8.26 33.31 -12.38
C ILE A 123 9.54 34.15 -12.17
N LEU A 124 10.68 33.64 -12.62
CA LEU A 124 12.03 34.15 -12.22
C LEU A 124 12.35 35.45 -12.97
N THR A 125 11.69 35.67 -14.11
CA THR A 125 11.80 36.90 -14.94
C THR A 125 10.73 37.91 -14.52
N GLY A 126 9.79 37.53 -13.67
CA GLY A 126 8.84 38.48 -13.06
C GLY A 126 7.57 38.62 -13.87
N GLN A 127 7.36 37.79 -14.88
CA GLN A 127 6.09 37.78 -15.66
C GLN A 127 4.93 37.35 -14.75
N VAL A 128 5.15 36.42 -13.83
CA VAL A 128 4.17 36.03 -12.77
C VAL A 128 4.96 35.90 -11.47
N ARG A 129 4.26 35.92 -10.34
CA ARG A 129 4.89 35.64 -9.02
C ARG A 129 4.92 34.12 -8.79
N ASN A 130 3.86 33.41 -9.22
CA ASN A 130 3.61 31.97 -8.88
C ASN A 130 2.82 31.31 -10.00
N ALA A 131 2.75 29.99 -10.01
CA ALA A 131 2.22 29.21 -11.15
C ALA A 131 1.88 27.77 -10.73
N VAL A 132 0.94 27.17 -11.45
CA VAL A 132 0.53 25.75 -11.32
C VAL A 132 0.83 25.08 -12.67
N ALA A 133 1.38 23.86 -12.63
CA ALA A 133 1.71 23.07 -13.83
C ALA A 133 0.86 21.79 -13.81
N ILE A 134 -0.11 21.68 -14.71
CA ILE A 134 -1.02 20.50 -14.75
C ILE A 134 -0.44 19.57 -15.82
N VAL A 135 0.40 18.64 -15.39
CA VAL A 135 1.31 17.86 -16.28
C VAL A 135 1.25 16.39 -15.87
N ARG A 136 1.51 15.54 -16.85
CA ARG A 136 1.71 14.08 -16.67
C ARG A 136 2.53 13.63 -17.89
N PRO A 137 3.24 12.49 -17.83
CA PRO A 137 3.35 11.68 -16.62
C PRO A 137 4.07 12.44 -15.49
N PRO A 138 3.94 12.01 -14.21
CA PRO A 138 4.73 12.55 -13.08
C PRO A 138 6.24 12.30 -13.15
N GLY A 139 7.00 12.89 -12.23
CA GLY A 139 8.49 12.89 -12.31
C GLY A 139 9.24 12.33 -11.10
N HIS A 140 8.70 12.43 -9.88
CA HIS A 140 9.60 12.46 -8.69
C HIS A 140 10.27 11.11 -8.42
N HIS A 141 9.74 9.98 -8.91
CA HIS A 141 10.38 8.65 -8.79
C HIS A 141 11.51 8.46 -9.82
N ALA A 142 11.56 9.27 -10.90
CA ALA A 142 12.56 9.08 -11.97
C ALA A 142 13.95 9.40 -11.42
N GLU A 143 14.92 8.52 -11.70
CA GLU A 143 16.32 8.67 -11.26
C GLU A 143 17.13 9.21 -12.45
N LYS A 144 18.36 9.62 -12.20
CA LYS A 144 19.35 10.02 -13.23
C LYS A 144 19.34 8.98 -14.36
N ASP A 145 19.29 7.71 -14.03
CA ASP A 145 19.63 6.59 -14.93
C ASP A 145 18.42 5.71 -15.23
N THR A 146 17.24 5.95 -14.65
CA THR A 146 16.11 4.99 -14.76
C THR A 146 14.76 5.69 -14.55
N ALA A 147 13.77 5.15 -15.24
CA ALA A 147 12.33 5.41 -15.04
C ALA A 147 11.84 4.54 -13.88
N CYS A 148 10.85 5.05 -13.13
CA CYS A 148 10.29 4.33 -11.97
C CYS A 148 8.94 4.96 -11.60
N GLY A 149 7.96 4.14 -11.20
CA GLY A 149 6.76 4.61 -10.50
C GLY A 149 5.94 5.57 -11.36
N PHE A 150 5.70 5.19 -12.61
CA PHE A 150 4.93 5.98 -13.62
C PHE A 150 5.73 7.20 -14.11
N CYS A 151 7.02 7.34 -13.72
CA CYS A 151 7.86 8.56 -13.93
C CYS A 151 9.01 8.27 -14.91
N PHE A 152 9.19 9.12 -15.93
CA PHE A 152 10.26 8.98 -16.95
C PHE A 152 11.43 9.91 -16.65
N PHE A 153 11.13 11.20 -16.56
CA PHE A 153 12.13 12.23 -16.20
C PHE A 153 11.62 12.95 -14.95
N ASN A 154 12.57 13.37 -14.12
CA ASN A 154 12.28 14.03 -12.82
C ASN A 154 11.98 15.50 -13.14
N THR A 155 10.74 15.74 -13.54
CA THR A 155 10.22 17.10 -13.83
C THR A 155 10.68 18.11 -12.76
N ALA A 156 10.41 17.86 -11.48
CA ALA A 156 10.71 18.79 -10.38
C ALA A 156 12.21 19.10 -10.35
N ALA A 157 13.06 18.06 -10.43
CA ALA A 157 14.52 18.21 -10.23
C ALA A 157 15.06 18.99 -11.41
N LEU A 158 14.63 18.62 -12.63
CA LEU A 158 14.97 19.31 -13.90
C LEU A 158 14.63 20.79 -13.79
N THR A 159 13.44 21.12 -13.30
CA THR A 159 12.97 22.52 -13.15
C THR A 159 13.88 23.29 -12.19
N ALA A 160 14.32 22.64 -11.11
CA ALA A 160 15.26 23.20 -10.10
C ALA A 160 16.61 23.50 -10.76
N ARG A 161 17.12 22.58 -11.58
CA ARG A 161 18.37 22.77 -12.36
C ARG A 161 18.17 23.76 -13.51
N TYR A 162 17.03 23.75 -14.22
CA TYR A 162 16.76 24.70 -15.32
C TYR A 162 16.68 26.13 -14.73
N ALA A 163 16.10 26.29 -13.54
CA ALA A 163 15.93 27.61 -12.87
C ALA A 163 17.31 28.18 -12.50
N GLN A 164 18.15 27.34 -11.92
CA GLN A 164 19.56 27.68 -11.60
C GLN A 164 20.29 28.06 -12.89
N SER A 165 20.02 27.36 -14.01
CA SER A 165 20.73 27.54 -15.29
C SER A 165 20.34 28.87 -15.96
N ILE A 166 19.10 29.36 -15.86
CA ILE A 166 18.67 30.67 -16.46
C ILE A 166 18.79 31.82 -15.44
N THR A 167 19.34 31.59 -14.25
CA THR A 167 19.56 32.64 -13.24
C THR A 167 21.00 32.52 -12.76
N ARG A 168 21.22 31.77 -11.71
CA ARG A 168 22.58 31.59 -11.15
C ARG A 168 22.55 30.23 -10.50
N GLU A 169 23.70 29.59 -10.45
CA GLU A 169 23.86 28.18 -10.05
C GLU A 169 23.68 28.11 -8.53
N SER A 170 23.72 29.27 -7.87
CA SER A 170 23.57 29.47 -6.40
C SER A 170 22.08 29.55 -6.00
N LEU A 171 21.15 29.79 -6.93
CA LEU A 171 19.72 29.98 -6.59
C LEU A 171 19.25 28.93 -5.58
N ARG A 172 18.83 29.36 -4.39
CA ARG A 172 18.37 28.42 -3.34
C ARG A 172 16.94 27.98 -3.67
N VAL A 173 16.81 26.73 -4.10
CA VAL A 173 15.50 26.08 -4.42
C VAL A 173 15.11 25.12 -3.27
N LEU A 174 13.92 25.35 -2.72
CA LEU A 174 13.23 24.39 -1.81
C LEU A 174 12.27 23.58 -2.68
N ILE A 175 12.40 22.25 -2.64
CA ILE A 175 11.37 21.36 -3.25
C ILE A 175 10.61 20.77 -2.08
N VAL A 176 9.34 21.13 -1.95
CA VAL A 176 8.43 20.45 -0.98
C VAL A 176 7.65 19.37 -1.73
N ASP A 177 7.87 18.11 -1.35
CA ASP A 177 7.24 16.94 -1.99
C ASP A 177 6.13 16.45 -1.07
N TRP A 178 4.89 16.88 -1.30
CA TRP A 178 3.74 16.41 -0.49
C TRP A 178 2.92 15.32 -1.20
N ASP A 179 3.34 14.83 -2.37
CA ASP A 179 2.88 13.51 -2.86
C ASP A 179 3.02 12.48 -1.72
N VAL A 180 2.05 11.59 -1.54
CA VAL A 180 2.02 10.59 -0.43
C VAL A 180 3.26 9.69 -0.55
N HIS A 181 3.90 9.56 -1.72
CA HIS A 181 5.12 8.71 -1.88
C HIS A 181 6.39 9.55 -1.78
N HIS A 182 7.47 8.91 -1.38
CA HIS A 182 8.82 9.50 -1.32
C HIS A 182 9.32 9.73 -2.75
N GLY A 183 9.84 10.93 -3.00
CA GLY A 183 10.50 11.26 -4.28
C GLY A 183 11.93 10.71 -4.28
N ASN A 184 12.09 9.38 -4.36
CA ASN A 184 13.40 8.67 -4.34
C ASN A 184 14.35 9.36 -5.31
N GLY A 185 13.87 9.70 -6.51
CA GLY A 185 14.70 10.32 -7.56
C GLY A 185 15.13 11.72 -7.16
N THR A 186 14.19 12.55 -6.67
CA THR A 186 14.46 13.94 -6.25
C THR A 186 15.49 13.95 -5.11
N GLN A 187 15.33 13.07 -4.12
CA GLN A 187 16.29 12.97 -3.00
C GLN A 187 17.69 12.61 -3.52
N HIS A 188 17.81 11.62 -4.42
CA HIS A 188 19.14 11.12 -4.90
C HIS A 188 19.83 12.20 -5.76
N ILE A 189 19.11 12.83 -6.67
CA ILE A 189 19.68 13.88 -7.58
C ILE A 189 20.30 15.02 -6.75
N PHE A 190 19.74 15.37 -5.60
CA PHE A 190 20.20 16.55 -4.80
C PHE A 190 20.80 16.16 -3.45
N GLU A 191 21.15 14.89 -3.23
CA GLU A 191 21.53 14.39 -1.88
C GLU A 191 22.82 15.09 -1.43
N GLU A 192 23.68 15.47 -2.38
CA GLU A 192 25.02 16.05 -2.11
C GLU A 192 25.02 17.53 -2.47
N ASP A 193 23.85 18.14 -2.57
CA ASP A 193 23.63 19.51 -3.08
C ASP A 193 23.03 20.35 -1.96
N ASP A 194 23.72 21.41 -1.53
CA ASP A 194 23.23 22.35 -0.49
C ASP A 194 22.51 23.55 -1.12
N SER A 195 22.26 23.55 -2.43
CA SER A 195 21.57 24.64 -3.15
C SER A 195 20.09 24.29 -3.40
N VAL A 196 19.76 22.99 -3.25
CA VAL A 196 18.38 22.43 -3.35
C VAL A 196 18.05 21.73 -2.05
N LEU A 197 17.15 22.34 -1.29
CA LEU A 197 16.57 21.74 -0.07
C LEU A 197 15.38 20.87 -0.49
N TYR A 198 15.46 19.57 -0.21
CA TYR A 198 14.40 18.58 -0.51
C TYR A 198 13.71 18.23 0.80
N ILE A 199 12.46 18.64 0.92
CA ILE A 199 11.59 18.21 2.03
C ILE A 199 10.49 17.33 1.45
N SER A 200 10.47 16.04 1.82
CA SER A 200 9.36 15.09 1.51
C SER A 200 8.58 14.73 2.78
N LEU A 201 7.25 14.82 2.71
CA LEU A 201 6.34 14.08 3.63
C LEU A 201 5.80 12.88 2.86
N HIS A 202 5.79 11.71 3.47
CA HIS A 202 5.40 10.49 2.73
C HIS A 202 5.01 9.39 3.69
N ARG A 203 4.01 8.61 3.29
CA ARG A 203 3.68 7.35 3.96
C ARG A 203 4.88 6.42 3.74
N TYR A 204 5.42 5.89 4.83
CA TYR A 204 6.67 5.09 4.86
C TYR A 204 6.34 3.66 5.31
N GLU A 205 5.71 3.51 6.47
CA GLU A 205 5.36 2.17 7.07
C GLU A 205 6.59 1.27 7.08
N ASP A 206 7.70 1.79 7.58
CA ASP A 206 8.90 0.99 7.85
C ASP A 206 9.36 0.33 6.54
N GLY A 207 9.18 0.97 5.38
CA GLY A 207 9.63 0.44 4.08
C GLY A 207 8.55 -0.33 3.33
N ALA A 208 7.35 -0.43 3.88
CA ALA A 208 6.26 -1.24 3.30
C ALA A 208 5.54 -0.50 2.16
N PHE A 209 5.59 0.83 2.14
CA PHE A 209 4.89 1.70 1.17
C PHE A 209 5.86 2.05 0.05
N PHE A 210 5.36 2.03 -1.17
CA PHE A 210 6.16 2.32 -2.39
C PHE A 210 6.84 3.67 -2.15
N PRO A 211 8.14 3.89 -2.47
CA PRO A 211 8.96 2.94 -3.23
C PRO A 211 9.75 1.92 -2.40
N ASN A 212 9.42 1.69 -1.14
CA ASN A 212 9.92 0.51 -0.37
C ASN A 212 11.42 0.57 -0.10
N SER A 213 11.96 1.76 0.16
CA SER A 213 13.40 1.95 0.45
C SER A 213 13.58 2.68 1.78
N GLU A 214 14.59 2.25 2.55
CA GLU A 214 15.02 2.89 3.83
C GLU A 214 15.58 4.29 3.56
N ASP A 215 15.83 4.60 2.28
CA ASP A 215 16.27 5.93 1.78
C ASP A 215 15.26 7.02 2.15
N ALA A 216 13.98 6.66 2.33
CA ALA A 216 12.88 7.58 2.66
C ALA A 216 12.78 7.81 4.18
N ASN A 217 13.62 7.16 5.01
CA ASN A 217 13.53 7.32 6.48
C ASN A 217 14.15 8.67 6.93
N TYR A 218 13.74 9.14 8.11
CA TYR A 218 14.06 10.47 8.69
C TYR A 218 15.57 10.66 8.89
N ASP A 219 16.32 9.57 9.01
CA ASP A 219 17.79 9.64 9.28
C ASP A 219 18.60 9.79 8.00
N LYS A 220 17.99 9.82 6.82
CA LYS A 220 18.69 10.19 5.56
C LYS A 220 18.64 11.71 5.42
N VAL A 221 19.75 12.39 5.75
CA VAL A 221 19.76 13.88 5.96
C VAL A 221 20.52 14.58 4.82
N GLY A 222 21.10 13.83 3.88
CA GLY A 222 21.99 14.35 2.85
C GLY A 222 23.41 13.84 3.07
N LEU A 223 24.25 13.97 2.05
CA LEU A 223 25.65 13.50 2.01
C LEU A 223 26.56 14.71 1.85
N GLY A 224 27.71 14.69 2.52
CA GLY A 224 28.76 15.73 2.38
C GLY A 224 28.21 17.13 2.50
N LYS A 225 28.37 17.95 1.44
CA LYS A 225 27.96 19.38 1.42
C LYS A 225 26.43 19.47 1.58
N GLY A 226 25.72 18.38 1.25
CA GLY A 226 24.25 18.29 1.28
C GLY A 226 23.73 17.83 2.64
N ARG A 227 24.60 17.53 3.60
CA ARG A 227 24.19 17.07 4.94
C ARG A 227 23.28 18.13 5.55
N GLY A 228 22.05 17.74 5.89
CA GLY A 228 20.98 18.62 6.43
C GLY A 228 20.04 19.18 5.38
N TYR A 229 20.28 18.99 4.07
CA TYR A 229 19.48 19.63 2.99
C TYR A 229 18.58 18.58 2.31
N ASN A 230 18.39 17.47 2.99
CA ASN A 230 17.43 16.41 2.66
C ASN A 230 16.64 16.10 3.94
N VAL A 231 15.35 16.42 3.95
CA VAL A 231 14.47 16.25 5.13
C VAL A 231 13.31 15.32 4.73
N ASN A 232 13.39 14.06 5.14
CA ASN A 232 12.31 13.05 5.02
C ASN A 232 11.45 13.07 6.28
N ILE A 233 10.14 13.28 6.15
CA ILE A 233 9.13 13.20 7.24
C ILE A 233 8.28 11.95 6.98
N PRO A 234 8.70 10.75 7.45
CA PRO A 234 8.04 9.50 7.10
C PRO A 234 6.91 9.18 8.07
N TRP A 235 5.73 8.83 7.54
CA TRP A 235 4.54 8.46 8.33
C TRP A 235 4.46 6.94 8.42
N ASN A 236 4.20 6.44 9.63
CA ASN A 236 3.95 5.02 9.99
C ASN A 236 2.61 4.92 10.73
N GLY A 237 1.97 3.75 10.72
CA GLY A 237 0.73 3.49 11.47
C GLY A 237 -0.52 3.90 10.70
N GLY A 238 -0.46 3.90 9.37
CA GLY A 238 -1.67 4.10 8.53
C GLY A 238 -2.18 5.52 8.45
N LYS A 239 -3.50 5.66 8.29
CA LYS A 239 -4.24 6.91 7.92
C LYS A 239 -3.61 8.14 8.58
N MET A 240 -3.33 9.20 7.81
CA MET A 240 -2.96 10.54 8.29
C MET A 240 -3.84 11.56 7.55
N GLY A 241 -3.89 12.80 8.01
CA GLY A 241 -4.73 13.84 7.40
C GLY A 241 -4.26 15.21 7.77
N ASP A 242 -5.19 16.17 7.76
CA ASP A 242 -4.92 17.62 7.97
C ASP A 242 -4.09 17.82 9.23
N PRO A 243 -4.45 17.27 10.41
CA PRO A 243 -3.73 17.60 11.65
C PRO A 243 -2.23 17.28 11.55
N GLU A 244 -1.88 16.12 10.99
CA GLU A 244 -0.47 15.65 10.91
C GLU A 244 0.30 16.54 9.96
N TYR A 245 -0.32 16.90 8.83
CA TYR A 245 0.35 17.72 7.79
C TYR A 245 0.52 19.14 8.35
N MET A 246 -0.51 19.71 8.99
CA MET A 246 -0.44 21.03 9.67
C MET A 246 0.62 21.00 10.78
N ALA A 247 0.70 19.93 11.55
CA ALA A 247 1.73 19.75 12.60
C ALA A 247 3.12 19.64 11.97
N ALA A 248 3.26 18.93 10.85
CA ALA A 248 4.59 18.75 10.21
C ALA A 248 5.07 20.10 9.67
N PHE A 249 4.16 20.88 9.08
CA PHE A 249 4.48 22.21 8.49
C PHE A 249 4.96 23.18 9.57
N HIS A 250 4.25 23.26 10.70
CA HIS A 250 4.52 24.14 11.87
C HIS A 250 5.87 23.85 12.54
N HIS A 251 6.14 22.58 12.88
CA HIS A 251 7.31 22.16 13.69
C HIS A 251 8.55 21.93 12.82
N LEU A 252 8.42 21.78 11.49
CA LEU A 252 9.52 21.26 10.64
C LEU A 252 9.64 22.03 9.33
N VAL A 253 8.66 21.88 8.43
CA VAL A 253 8.76 22.38 7.03
C VAL A 253 9.01 23.89 7.11
N MET A 254 8.14 24.65 7.79
CA MET A 254 8.22 26.14 7.76
C MET A 254 9.44 26.66 8.54
N PRO A 255 9.79 26.17 9.76
CA PRO A 255 11.03 26.59 10.42
C PRO A 255 12.28 26.34 9.56
N ILE A 256 12.45 25.13 8.99
CA ILE A 256 13.62 24.79 8.12
C ILE A 256 13.60 25.67 6.85
N ALA A 257 12.43 25.87 6.24
CA ALA A 257 12.33 26.60 4.95
C ALA A 257 12.75 28.06 5.20
N ARG A 258 12.32 28.63 6.33
CA ARG A 258 12.63 30.04 6.74
C ARG A 258 14.15 30.18 6.90
N GLU A 259 14.80 29.29 7.65
CA GLU A 259 16.27 29.28 7.85
C GLU A 259 16.98 29.20 6.50
N PHE A 260 16.57 28.28 5.64
CA PHE A 260 17.15 28.06 4.29
C PHE A 260 17.01 29.30 3.39
N ALA A 261 15.90 30.03 3.53
CA ALA A 261 15.62 31.29 2.82
C ALA A 261 15.67 31.02 1.33
N PRO A 262 14.77 30.17 0.80
CA PRO A 262 14.77 29.86 -0.62
C PRO A 262 14.38 31.04 -1.49
N GLU A 263 14.87 30.98 -2.72
CA GLU A 263 14.68 32.06 -3.72
C GLU A 263 13.65 31.57 -4.74
N LEU A 264 13.26 30.29 -4.62
CA LEU A 264 12.22 29.63 -5.43
C LEU A 264 11.74 28.39 -4.67
N VAL A 265 10.44 28.15 -4.69
CA VAL A 265 9.77 26.98 -4.07
C VAL A 265 9.14 26.19 -5.22
N LEU A 266 9.56 24.95 -5.40
CA LEU A 266 8.84 23.96 -6.23
C LEU A 266 8.05 23.07 -5.28
N VAL A 267 6.79 22.85 -5.61
CA VAL A 267 6.00 21.82 -4.89
C VAL A 267 5.85 20.63 -5.84
N SER A 268 6.41 19.48 -5.44
CA SER A 268 6.11 18.16 -6.04
C SER A 268 4.72 17.78 -5.50
N ALA A 269 3.70 18.35 -6.13
CA ALA A 269 2.30 18.36 -5.64
C ALA A 269 1.60 17.11 -6.16
N GLY A 270 1.88 15.95 -5.56
CA GLY A 270 1.00 14.77 -5.67
C GLY A 270 -0.24 15.00 -4.83
N PHE A 271 -1.42 14.58 -5.28
CA PHE A 271 -2.66 14.70 -4.49
C PHE A 271 -3.14 13.31 -4.08
N ASP A 272 -2.18 12.38 -3.94
CA ASP A 272 -2.49 11.00 -3.54
C ASP A 272 -2.53 10.86 -1.99
N ALA A 273 -2.20 11.90 -1.23
CA ALA A 273 -2.49 11.96 0.23
C ALA A 273 -3.93 12.47 0.44
N ALA A 274 -4.64 12.80 -0.63
CA ALA A 274 -6.03 13.30 -0.56
C ALA A 274 -6.99 12.21 -0.08
N ARG A 275 -8.05 12.66 0.60
CA ARG A 275 -9.19 11.78 0.95
C ARG A 275 -9.77 11.24 -0.38
N GLY A 276 -9.96 9.93 -0.42
CA GLY A 276 -10.56 9.23 -1.57
C GLY A 276 -9.48 8.58 -2.43
N ASP A 277 -8.21 8.88 -2.21
CA ASP A 277 -7.19 8.34 -3.12
C ASP A 277 -7.07 6.83 -2.87
N PRO A 278 -7.19 5.99 -3.93
CA PRO A 278 -7.07 4.53 -3.78
C PRO A 278 -5.66 4.03 -3.40
N LEU A 279 -4.62 4.80 -3.71
CA LEU A 279 -3.21 4.34 -3.51
C LEU A 279 -2.57 4.94 -2.25
N GLY A 280 -3.10 6.03 -1.70
CA GLY A 280 -2.53 6.75 -0.53
C GLY A 280 -3.07 6.27 0.80
N GLY A 281 -4.39 6.08 0.89
CA GLY A 281 -5.07 5.69 2.14
C GLY A 281 -5.01 6.78 3.18
N PHE A 282 -4.78 8.02 2.78
CA PHE A 282 -4.71 9.18 3.72
C PHE A 282 -5.96 10.06 3.56
N GLN A 283 -6.08 11.17 4.30
CA GLN A 283 -7.36 11.92 4.39
C GLN A 283 -7.10 13.43 4.35
N VAL A 284 -6.06 13.89 3.66
CA VAL A 284 -5.83 15.35 3.49
C VAL A 284 -7.01 15.91 2.67
N THR A 285 -7.56 17.02 3.13
CA THR A 285 -8.75 17.64 2.50
C THR A 285 -8.29 18.78 1.61
N PRO A 286 -9.13 19.26 0.67
CA PRO A 286 -8.75 20.38 -0.19
C PRO A 286 -8.38 21.63 0.65
N GLU A 287 -9.05 21.80 1.78
CA GLU A 287 -8.82 22.91 2.74
C GLU A 287 -7.41 22.76 3.32
N GLY A 288 -7.08 21.55 3.78
CA GLY A 288 -5.72 21.18 4.19
C GLY A 288 -4.69 21.61 3.15
N TYR A 289 -4.85 21.16 1.90
CA TYR A 289 -3.96 21.56 0.79
C TYR A 289 -3.91 23.09 0.65
N ALA A 290 -5.05 23.79 0.82
CA ALA A 290 -5.13 25.26 0.68
C ALA A 290 -4.23 25.90 1.74
N HIS A 291 -4.20 25.33 2.96
CA HIS A 291 -3.39 25.85 4.10
C HIS A 291 -1.89 25.62 3.87
N LEU A 292 -1.51 24.47 3.33
CA LEU A 292 -0.09 24.17 3.02
C LEU A 292 0.38 25.10 1.89
N THR A 293 -0.44 25.36 0.89
CA THR A 293 -0.07 26.30 -0.20
C THR A 293 0.17 27.69 0.39
N HIS A 294 -0.84 28.23 1.06
CA HIS A 294 -0.82 29.56 1.72
C HIS A 294 0.45 29.69 2.57
N GLN A 295 0.79 28.66 3.35
CA GLN A 295 2.00 28.71 4.20
C GLN A 295 3.24 28.84 3.29
N LEU A 296 3.31 28.09 2.18
CA LEU A 296 4.50 28.11 1.28
C LEU A 296 4.63 29.47 0.58
N MET A 297 3.50 30.13 0.34
CA MET A 297 3.43 31.47 -0.28
C MET A 297 4.16 32.51 0.60
N SER A 298 4.31 32.25 1.89
CA SER A 298 5.05 33.11 2.85
C SER A 298 6.55 33.07 2.53
N LEU A 299 7.04 32.17 1.66
CA LEU A 299 8.47 32.01 1.33
C LEU A 299 8.79 32.56 -0.07
N ALA A 300 10.04 32.96 -0.28
CA ALA A 300 10.67 33.25 -1.59
C ALA A 300 9.93 34.42 -2.20
N ALA A 301 9.47 35.33 -1.34
CA ALA A 301 8.57 36.45 -1.68
C ALA A 301 7.47 35.91 -2.58
N GLY A 302 6.96 34.72 -2.28
CA GLY A 302 5.76 34.12 -2.91
C GLY A 302 6.06 33.39 -4.21
N ARG A 303 7.34 33.14 -4.50
CA ARG A 303 7.74 32.52 -5.78
C ARG A 303 7.60 30.99 -5.72
N VAL A 304 6.38 30.52 -6.02
CA VAL A 304 5.91 29.12 -5.82
C VAL A 304 5.40 28.60 -7.16
N LEU A 305 5.97 27.48 -7.61
CA LEU A 305 5.47 26.72 -8.79
C LEU A 305 4.92 25.37 -8.29
N ILE A 306 3.65 25.09 -8.58
CA ILE A 306 2.98 23.86 -8.08
C ILE A 306 2.94 22.89 -9.26
N ILE A 307 3.63 21.75 -9.16
CA ILE A 307 3.80 20.78 -10.27
C ILE A 307 3.04 19.49 -9.91
N LEU A 308 2.05 19.10 -10.70
CA LEU A 308 1.34 17.82 -10.49
C LEU A 308 2.34 16.64 -10.55
N GLU A 309 2.29 15.80 -9.51
CA GLU A 309 2.94 14.46 -9.44
C GLU A 309 1.82 13.43 -9.53
N GLY A 310 1.62 12.58 -8.52
CA GLY A 310 0.53 11.59 -8.48
C GLY A 310 -0.73 12.16 -7.87
N GLY A 311 -1.65 11.28 -7.49
CA GLY A 311 -3.07 11.61 -7.25
C GLY A 311 -3.97 10.93 -8.26
N TYR A 312 -4.82 10.01 -7.81
CA TYR A 312 -5.51 9.03 -8.69
C TYR A 312 -7.01 9.03 -8.50
N ASN A 313 -7.53 9.80 -7.55
CA ASN A 313 -9.00 10.00 -7.48
C ASN A 313 -9.30 11.29 -8.23
N LEU A 314 -10.06 11.19 -9.31
CA LEU A 314 -10.25 12.32 -10.25
C LEU A 314 -10.95 13.48 -9.55
N THR A 315 -11.88 13.23 -8.63
CA THR A 315 -12.58 14.31 -7.90
C THR A 315 -11.61 14.97 -6.92
N SER A 316 -10.94 14.15 -6.11
CA SER A 316 -10.02 14.61 -5.03
C SER A 316 -8.95 15.51 -5.63
N ILE A 317 -8.30 15.05 -6.71
CA ILE A 317 -7.19 15.81 -7.36
C ILE A 317 -7.75 17.10 -7.99
N SER A 318 -8.90 17.06 -8.67
CA SER A 318 -9.48 18.27 -9.30
C SER A 318 -9.81 19.28 -8.19
N GLU A 319 -10.48 18.86 -7.12
CA GLU A 319 -10.85 19.75 -5.98
C GLU A 319 -9.58 20.25 -5.26
N SER A 320 -8.57 19.39 -5.08
CA SER A 320 -7.37 19.69 -4.28
C SER A 320 -6.47 20.66 -5.05
N MET A 321 -6.22 20.43 -6.35
CA MET A 321 -5.29 21.32 -7.09
C MET A 321 -5.95 22.69 -7.32
N SER A 322 -7.27 22.73 -7.55
CA SER A 322 -8.07 23.98 -7.67
C SER A 322 -7.94 24.85 -6.42
N MET A 323 -7.97 24.24 -5.24
CA MET A 323 -7.87 24.97 -3.95
C MET A 323 -6.47 25.58 -3.83
N CYS A 324 -5.46 24.91 -4.36
CA CYS A 324 -4.04 25.39 -4.40
C CYS A 324 -3.92 26.62 -5.32
N THR A 325 -4.41 26.53 -6.55
CA THR A 325 -4.44 27.66 -7.51
C THR A 325 -5.14 28.84 -6.83
N SER A 326 -6.34 28.61 -6.30
CA SER A 326 -7.15 29.62 -5.58
C SER A 326 -6.28 30.35 -4.54
N MET A 327 -5.43 29.65 -3.80
CA MET A 327 -4.53 30.26 -2.78
C MET A 327 -3.48 31.13 -3.48
N LEU A 328 -2.82 30.62 -4.54
CA LEU A 328 -1.77 31.34 -5.31
C LEU A 328 -2.34 32.65 -5.86
N LEU A 329 -3.63 32.66 -6.24
CA LEU A 329 -4.35 33.88 -6.71
C LEU A 329 -4.63 34.85 -5.56
N GLY A 330 -4.34 34.46 -4.31
CA GLY A 330 -4.46 35.32 -3.13
C GLY A 330 -5.81 35.17 -2.46
N ASP A 331 -6.59 34.13 -2.76
CA ASP A 331 -7.90 33.98 -2.06
C ASP A 331 -7.61 33.58 -0.61
N SER A 332 -8.58 33.88 0.25
CA SER A 332 -8.56 33.62 1.70
C SER A 332 -8.64 32.11 1.95
N PRO A 333 -7.73 31.50 2.75
CA PRO A 333 -7.82 30.08 3.05
C PRO A 333 -9.07 29.72 3.84
N PRO A 334 -9.79 28.65 3.44
CA PRO A 334 -10.90 28.14 4.24
C PRO A 334 -10.47 27.87 5.69
N SER A 335 -11.34 28.17 6.67
CA SER A 335 -11.10 27.83 8.09
C SER A 335 -10.72 26.34 8.15
N LEU A 336 -9.78 25.96 8.99
CA LEU A 336 -9.41 24.54 9.16
C LEU A 336 -9.85 24.15 10.57
N ASP A 337 -10.98 24.70 11.00
CA ASP A 337 -11.46 24.71 12.42
C ASP A 337 -11.48 23.27 12.97
N HIS A 338 -11.27 23.17 14.27
CA HIS A 338 -11.57 21.99 15.12
C HIS A 338 -10.74 20.79 14.64
N LEU A 339 -9.51 21.00 14.17
CA LEU A 339 -8.56 19.90 13.85
C LEU A 339 -8.49 18.97 15.08
N THR A 340 -8.55 17.66 14.85
CA THR A 340 -8.46 16.61 15.91
C THR A 340 -7.03 16.58 16.46
N PRO A 341 -6.77 15.89 17.59
CA PRO A 341 -5.40 15.73 18.08
C PRO A 341 -4.59 14.79 17.16
N LEU A 342 -3.29 15.03 17.05
CA LEU A 342 -2.37 14.23 16.20
C LEU A 342 -2.43 12.76 16.57
N LYS A 343 -2.37 11.88 15.59
CA LYS A 343 -1.97 10.46 15.78
C LYS A 343 -0.58 10.42 16.43
N THR A 344 -0.38 9.51 17.37
CA THR A 344 0.84 9.31 18.17
C THR A 344 2.06 9.05 17.29
N SER A 345 1.94 8.11 16.35
CA SER A 345 3.10 7.68 15.51
C SER A 345 3.57 8.88 14.68
N ALA A 346 2.67 9.85 14.47
CA ALA A 346 2.92 11.12 13.74
C ALA A 346 3.70 12.10 14.64
N THR A 347 3.40 12.16 15.95
CA THR A 347 4.18 12.89 16.98
C THR A 347 5.59 12.29 17.01
N VAL A 348 5.68 10.99 17.01
CA VAL A 348 6.98 10.25 17.03
C VAL A 348 7.76 10.54 15.75
N SER A 349 7.08 10.50 14.60
CA SER A 349 7.66 10.80 13.27
C SER A 349 8.29 12.20 13.33
N ILE A 350 7.49 13.20 13.71
CA ILE A 350 7.95 14.61 13.78
C ILE A 350 9.17 14.72 14.72
N ASN A 351 9.13 14.05 15.87
CA ASN A 351 10.20 14.12 16.89
C ASN A 351 11.45 13.41 16.37
N ASN A 352 11.30 12.34 15.60
CA ASN A 352 12.46 11.64 15.00
C ASN A 352 13.13 12.59 14.00
N VAL A 353 12.37 13.42 13.29
CA VAL A 353 12.94 14.32 12.26
C VAL A 353 13.67 15.46 13.00
N LEU A 354 13.06 15.98 14.07
CA LEU A 354 13.69 16.99 14.96
C LEU A 354 15.06 16.43 15.43
N ARG A 355 15.09 15.21 15.97
CA ARG A 355 16.36 14.66 16.52
C ARG A 355 17.38 14.56 15.39
N ALA A 356 16.95 14.29 14.16
CA ALA A 356 17.87 14.04 13.03
C ALA A 356 18.38 15.39 12.52
N HIS A 357 17.55 16.44 12.57
CA HIS A 357 17.84 17.71 11.85
C HIS A 357 18.23 18.83 12.82
N ALA A 358 17.95 18.71 14.12
CA ALA A 358 18.38 19.72 15.13
C ALA A 358 19.88 19.97 14.97
N PRO A 359 20.74 18.93 14.85
CA PRO A 359 22.17 19.17 14.60
C PRO A 359 22.47 20.17 13.48
N PHE A 360 21.55 20.44 12.54
CA PHE A 360 21.80 21.23 11.31
C PHE A 360 20.97 22.52 11.27
N TRP A 361 19.86 22.56 11.98
CA TRP A 361 18.84 23.63 11.89
C TRP A 361 18.52 24.18 13.30
N SER A 362 19.13 25.30 13.66
CA SER A 362 18.91 26.00 14.96
C SER A 362 17.42 26.27 15.21
N SER A 363 16.62 26.59 14.19
CA SER A 363 15.19 26.98 14.34
C SER A 363 14.35 25.82 14.90
N LEU A 364 14.86 24.59 14.87
CA LEU A 364 14.17 23.37 15.41
C LEU A 364 14.46 23.23 16.91
N ARG A 365 15.57 23.82 17.37
CA ARG A 365 16.09 23.64 18.75
C ARG A 365 15.47 24.70 19.66
N ILE B 10 -23.63 -29.78 9.69
CA ILE B 10 -23.44 -29.12 11.03
C ILE B 10 -22.06 -28.41 11.01
N THR B 11 -22.15 -27.10 11.24
CA THR B 11 -21.04 -26.12 11.25
C THR B 11 -20.75 -25.72 12.69
N GLY B 12 -19.51 -25.85 13.12
CA GLY B 12 -19.00 -25.26 14.37
C GLY B 12 -18.74 -23.78 14.21
N LEU B 13 -18.85 -23.01 15.30
CA LEU B 13 -18.44 -21.59 15.40
C LEU B 13 -17.69 -21.37 16.71
N VAL B 14 -16.42 -20.98 16.64
CA VAL B 14 -15.61 -20.60 17.84
C VAL B 14 -15.43 -19.07 17.88
N TYR B 15 -15.45 -18.52 19.08
CA TYR B 15 -15.39 -17.08 19.41
C TYR B 15 -15.28 -16.93 20.93
N ASP B 16 -14.50 -15.94 21.40
CA ASP B 16 -14.28 -15.60 22.84
C ASP B 16 -13.98 -14.10 22.91
N GLN B 17 -14.74 -13.30 23.69
CA GLN B 17 -14.46 -11.85 23.88
C GLN B 17 -13.02 -11.64 24.34
N ARG B 18 -12.42 -12.60 25.04
CA ARG B 18 -11.08 -12.41 25.67
C ARG B 18 -10.03 -12.04 24.60
N MET B 19 -10.24 -12.43 23.34
CA MET B 19 -9.32 -12.11 22.21
C MET B 19 -9.47 -10.62 21.84
N MET B 20 -10.51 -9.94 22.33
CA MET B 20 -10.58 -8.45 22.31
C MET B 20 -9.57 -7.78 23.26
N LEU B 21 -8.92 -8.47 24.21
CA LEU B 21 -8.06 -7.79 25.21
C LEU B 21 -6.76 -7.24 24.55
N HIS B 22 -6.13 -8.00 23.64
CA HIS B 22 -4.99 -7.55 22.77
C HIS B 22 -5.38 -6.23 22.09
N HIS B 23 -4.68 -5.13 22.39
CA HIS B 23 -5.07 -3.75 21.99
C HIS B 23 -3.80 -2.94 21.71
N ASN B 24 -3.95 -1.83 21.02
CA ASN B 24 -2.82 -0.94 20.70
C ASN B 24 -2.95 0.25 21.65
N MET B 25 -2.06 0.28 22.64
CA MET B 25 -2.12 1.32 23.71
C MET B 25 -1.69 2.69 23.17
N TRP B 26 -0.98 2.77 22.04
CA TRP B 26 -0.50 4.05 21.44
C TRP B 26 -1.48 4.60 20.41
N ASP B 27 -2.30 3.75 19.81
CA ASP B 27 -3.27 4.18 18.76
C ASP B 27 -4.53 3.32 18.91
N SER B 28 -5.60 3.96 19.37
CA SER B 28 -6.88 3.30 19.70
C SER B 28 -7.63 3.04 18.39
N HIS B 29 -7.21 3.71 17.31
CA HIS B 29 -7.92 3.67 16.01
C HIS B 29 -7.14 2.83 14.99
N HIS B 30 -6.10 2.14 15.45
CA HIS B 30 -5.29 1.21 14.63
C HIS B 30 -6.23 0.18 14.02
N PRO B 31 -6.09 -0.12 12.70
CA PRO B 31 -7.13 -0.88 11.98
C PRO B 31 -7.43 -2.26 12.55
N GLU B 32 -6.44 -2.89 13.19
CA GLU B 32 -6.53 -4.25 13.80
C GLU B 32 -7.17 -4.12 15.19
N LEU B 33 -8.47 -3.80 15.23
CA LEU B 33 -9.30 -3.38 16.39
C LEU B 33 -9.86 -4.60 17.12
N PRO B 34 -10.01 -4.52 18.46
CA PRO B 34 -10.67 -5.59 19.22
C PRO B 34 -12.08 -5.84 18.68
N GLN B 35 -12.78 -4.79 18.24
CA GLN B 35 -14.18 -4.79 17.73
C GLN B 35 -14.33 -5.59 16.43
N ARG B 36 -13.24 -5.97 15.75
CA ARG B 36 -13.28 -6.82 14.54
C ARG B 36 -14.03 -8.13 14.86
N ILE B 37 -13.58 -8.89 15.86
CA ILE B 37 -14.19 -10.19 16.18
C ILE B 37 -15.55 -9.98 16.85
N SER B 38 -15.71 -8.87 17.60
CA SER B 38 -16.95 -8.52 18.32
C SER B 38 -18.03 -8.28 17.28
N ARG B 39 -17.73 -7.49 16.25
CA ARG B 39 -18.70 -7.07 15.19
C ARG B 39 -19.05 -8.26 14.28
N ILE B 40 -18.09 -9.11 13.93
CA ILE B 40 -18.35 -10.29 13.07
C ILE B 40 -19.31 -11.19 13.86
N PHE B 41 -19.02 -11.43 15.15
CA PHE B 41 -19.81 -12.29 16.05
C PHE B 41 -21.22 -11.72 16.21
N SER B 42 -21.33 -10.40 16.33
CA SER B 42 -22.65 -9.69 16.36
C SER B 42 -23.45 -10.05 15.11
N ARG B 43 -22.83 -9.93 13.94
CA ARG B 43 -23.48 -10.22 12.63
C ARG B 43 -23.98 -11.68 12.59
N HIS B 44 -23.20 -12.65 13.07
CA HIS B 44 -23.63 -14.07 13.17
C HIS B 44 -24.91 -14.20 14.03
N GLU B 45 -24.96 -13.54 15.21
CA GLU B 45 -26.17 -13.52 16.09
C GLU B 45 -27.36 -12.90 15.34
N GLU B 46 -27.14 -11.71 14.76
CA GLU B 46 -28.13 -10.92 13.98
C GLU B 46 -28.79 -11.76 12.89
N LEU B 47 -28.04 -12.58 12.17
CA LEU B 47 -28.57 -13.47 11.08
C LEU B 47 -28.92 -14.85 11.65
N ARG B 48 -28.86 -15.00 12.97
CA ARG B 48 -29.27 -16.21 13.75
C ARG B 48 -28.37 -17.40 13.39
N LEU B 49 -27.25 -17.17 12.68
CA LEU B 49 -26.30 -18.24 12.26
C LEU B 49 -25.73 -18.87 13.50
N LEU B 50 -25.58 -18.07 14.56
CA LEU B 50 -24.99 -18.56 15.82
C LEU B 50 -25.73 -19.83 16.25
N SER B 51 -27.07 -19.76 16.37
CA SER B 51 -27.98 -20.85 16.84
C SER B 51 -27.86 -22.10 15.96
N ARG B 52 -27.64 -21.91 14.65
CA ARG B 52 -27.53 -22.98 13.63
C ARG B 52 -26.20 -23.72 13.76
N CYS B 53 -25.21 -23.09 14.39
CA CYS B 53 -23.86 -23.69 14.57
C CYS B 53 -23.76 -24.39 15.91
N HIS B 54 -22.93 -25.41 16.00
CA HIS B 54 -22.48 -26.01 17.28
C HIS B 54 -21.38 -25.10 17.87
N ARG B 55 -21.54 -24.64 19.11
CA ARG B 55 -20.64 -23.67 19.77
C ARG B 55 -19.39 -24.40 20.27
N ILE B 56 -18.24 -24.09 19.69
CA ILE B 56 -16.95 -24.72 20.08
C ILE B 56 -16.26 -23.76 21.05
N PRO B 57 -15.77 -24.28 22.21
CA PRO B 57 -15.06 -23.46 23.19
C PRO B 57 -13.62 -23.11 22.78
N ALA B 58 -13.27 -21.84 22.97
CA ALA B 58 -11.89 -21.29 22.88
C ALA B 58 -11.06 -21.91 23.99
N ARG B 59 -9.78 -22.17 23.73
CA ARG B 59 -8.81 -22.72 24.72
C ARG B 59 -7.44 -22.08 24.46
N LEU B 60 -6.53 -22.11 25.42
CA LEU B 60 -5.14 -21.61 25.27
C LEU B 60 -4.36 -22.72 24.60
N ALA B 61 -3.65 -22.41 23.53
CA ALA B 61 -2.63 -23.33 23.02
C ALA B 61 -1.58 -23.53 24.13
N THR B 62 -0.82 -24.60 24.03
CA THR B 62 0.34 -24.96 24.88
C THR B 62 1.63 -24.62 24.11
N GLU B 63 2.73 -24.48 24.84
CA GLU B 63 4.03 -24.09 24.26
C GLU B 63 4.52 -25.23 23.37
N GLU B 64 4.25 -26.47 23.78
CA GLU B 64 4.56 -27.67 22.95
C GLU B 64 3.74 -27.58 21.64
N GLU B 65 2.48 -27.13 21.71
CA GLU B 65 1.63 -26.84 20.51
C GLU B 65 2.32 -25.74 19.67
N LEU B 66 2.49 -24.55 20.26
CA LEU B 66 3.21 -23.40 19.62
C LEU B 66 4.50 -23.92 18.99
N ALA B 67 5.20 -24.84 19.67
CA ALA B 67 6.48 -25.44 19.25
C ALA B 67 6.32 -26.33 18.03
N LEU B 68 5.09 -26.70 17.64
CA LEU B 68 4.84 -27.43 16.36
C LEU B 68 5.42 -26.65 15.17
N CYS B 69 5.34 -25.31 15.17
CA CYS B 69 5.79 -24.43 14.04
C CYS B 69 6.93 -23.48 14.42
N HIS B 70 6.94 -23.01 15.67
CA HIS B 70 7.79 -21.90 16.15
C HIS B 70 9.04 -22.45 16.86
N SER B 71 10.19 -21.84 16.57
CA SER B 71 11.46 -21.92 17.35
C SER B 71 11.22 -21.54 18.82
N SER B 72 12.08 -22.06 19.69
CA SER B 72 12.04 -21.88 21.17
C SER B 72 12.27 -20.41 21.54
N LYS B 73 13.24 -19.78 20.89
CA LYS B 73 13.58 -18.34 21.07
C LYS B 73 12.32 -17.49 20.86
N HIS B 74 11.61 -17.68 19.73
CA HIS B 74 10.41 -16.88 19.38
C HIS B 74 9.30 -17.04 20.43
N ILE B 75 8.99 -18.28 20.84
CA ILE B 75 7.90 -18.52 21.85
C ILE B 75 8.35 -17.89 23.17
N SER B 76 9.62 -18.12 23.52
CA SER B 76 10.30 -17.49 24.66
C SER B 76 10.07 -15.97 24.65
N ILE B 77 10.41 -15.27 23.55
CA ILE B 77 10.32 -13.78 23.53
C ILE B 77 8.86 -13.30 23.59
N ILE B 78 7.90 -13.91 22.88
CA ILE B 78 6.50 -13.42 22.94
C ILE B 78 5.94 -13.78 24.32
N LYS B 79 6.21 -15.01 24.81
CA LYS B 79 5.96 -15.35 26.24
C LYS B 79 6.47 -14.17 27.11
N SER B 80 7.77 -13.89 27.02
CA SER B 80 8.45 -12.79 27.77
C SER B 80 7.69 -11.46 27.66
N SER B 81 7.00 -11.19 26.53
CA SER B 81 6.19 -9.95 26.29
C SER B 81 5.21 -9.70 27.45
N GLU B 82 4.82 -10.79 28.10
CA GLU B 82 3.78 -10.82 29.17
C GLU B 82 4.30 -10.07 30.42
N HIS B 83 5.63 -10.00 30.59
CA HIS B 83 6.32 -9.48 31.82
C HIS B 83 6.94 -8.10 31.53
N MET B 84 6.41 -7.36 30.55
CA MET B 84 7.00 -6.06 30.09
C MET B 84 6.16 -4.86 30.55
N LYS B 85 6.84 -3.82 31.04
CA LYS B 85 6.26 -2.44 31.14
C LYS B 85 6.05 -1.89 29.73
N PRO B 86 5.07 -0.97 29.50
CA PRO B 86 4.84 -0.38 28.17
C PRO B 86 6.13 -0.04 27.37
N ARG B 87 7.02 0.76 27.97
CA ARG B 87 8.29 1.22 27.36
C ARG B 87 8.94 0.05 26.65
N ASP B 88 9.00 -1.11 27.30
CA ASP B 88 9.68 -2.31 26.74
C ASP B 88 8.77 -2.95 25.67
N LEU B 89 7.45 -2.94 25.89
CA LEU B 89 6.41 -3.39 24.90
C LEU B 89 6.58 -2.58 23.61
N ASN B 90 6.51 -1.25 23.76
CA ASN B 90 6.80 -0.27 22.68
C ASN B 90 8.08 -0.70 21.97
N ARG B 91 9.15 -0.93 22.74
CA ARG B 91 10.49 -1.18 22.16
C ARG B 91 10.51 -2.56 21.52
N LEU B 92 9.83 -3.55 22.10
CA LEU B 92 9.88 -4.93 21.52
C LEU B 92 9.13 -4.89 20.20
N GLY B 93 7.97 -4.20 20.18
CA GLY B 93 7.15 -3.89 18.98
C GLY B 93 8.00 -3.45 17.81
N ASP B 94 8.86 -2.45 18.03
CA ASP B 94 9.71 -1.82 16.99
C ASP B 94 10.89 -2.73 16.69
N GLU B 95 11.07 -3.85 17.42
CA GLU B 95 11.96 -4.96 16.96
C GLU B 95 11.32 -5.60 15.72
N TYR B 96 10.01 -5.42 15.55
CA TYR B 96 9.21 -6.15 14.53
C TYR B 96 8.72 -5.17 13.46
N ASN B 97 8.58 -5.69 12.26
CA ASN B 97 7.82 -5.07 11.16
C ASN B 97 6.32 -5.08 11.53
N SER B 98 5.76 -3.91 11.84
CA SER B 98 4.30 -3.66 12.02
C SER B 98 3.73 -4.61 13.07
N ILE B 99 4.11 -4.38 14.31
CA ILE B 99 3.56 -5.09 15.50
C ILE B 99 3.32 -4.06 16.59
N PHE B 100 2.14 -4.08 17.19
CA PHE B 100 1.90 -3.51 18.53
C PHE B 100 1.67 -4.69 19.50
N ILE B 101 2.18 -4.56 20.74
CA ILE B 101 2.19 -5.61 21.79
C ILE B 101 1.65 -4.98 23.06
N SER B 102 0.74 -5.66 23.76
CA SER B 102 0.15 -5.25 25.06
C SER B 102 0.27 -6.45 25.99
N ASN B 103 -0.12 -6.31 27.26
CA ASN B 103 0.19 -7.39 28.23
C ASN B 103 -0.47 -8.71 27.78
N GLU B 104 -1.66 -8.61 27.16
CA GLU B 104 -2.65 -9.69 26.85
C GLU B 104 -2.37 -10.34 25.48
N SER B 105 -1.32 -9.89 24.81
CA SER B 105 -1.05 -10.27 23.41
C SER B 105 -0.64 -11.75 23.39
N TYR B 106 0.24 -12.20 24.30
CA TYR B 106 0.55 -13.65 24.47
C TYR B 106 -0.74 -14.45 24.64
N THR B 107 -1.53 -14.06 25.64
CA THR B 107 -2.84 -14.67 25.98
C THR B 107 -3.60 -14.85 24.66
N CYS B 108 -3.89 -13.76 23.94
CA CYS B 108 -4.83 -13.76 22.78
C CYS B 108 -4.26 -14.58 21.60
N ALA B 109 -2.97 -14.47 21.31
CA ALA B 109 -2.34 -15.33 20.28
C ALA B 109 -2.59 -16.81 20.64
N LEU B 110 -2.39 -17.19 21.92
CA LEU B 110 -2.69 -18.55 22.46
C LEU B 110 -4.17 -18.91 22.21
N LEU B 111 -5.10 -18.04 22.56
CA LEU B 111 -6.55 -18.30 22.36
C LEU B 111 -6.84 -18.56 20.87
N ALA B 112 -6.54 -17.58 20.02
CA ALA B 112 -6.75 -17.69 18.55
C ALA B 112 -6.35 -19.10 18.11
N ALA B 113 -5.14 -19.54 18.46
CA ALA B 113 -4.52 -20.83 18.07
C ALA B 113 -5.26 -22.01 18.71
N GLY B 114 -5.53 -21.92 20.01
CA GLY B 114 -6.28 -22.93 20.79
C GLY B 114 -7.68 -23.12 20.24
N SER B 115 -8.41 -22.03 20.00
CA SER B 115 -9.73 -22.05 19.34
C SER B 115 -9.68 -22.87 18.05
N CYS B 116 -8.77 -22.56 17.13
CA CYS B 116 -8.64 -23.28 15.82
C CYS B 116 -8.28 -24.74 16.07
N PHE B 117 -7.62 -25.02 17.19
CA PHE B 117 -7.24 -26.41 17.59
C PHE B 117 -8.50 -27.19 17.93
N ASN B 118 -9.41 -26.60 18.72
CA ASN B 118 -10.68 -27.22 19.14
C ASN B 118 -11.59 -27.37 17.91
N SER B 119 -11.56 -26.38 17.02
CA SER B 119 -12.40 -26.30 15.79
C SER B 119 -12.01 -27.44 14.83
N ALA B 120 -10.69 -27.65 14.62
CA ALA B 120 -10.13 -28.74 13.79
C ALA B 120 -10.44 -30.12 14.41
N GLN B 121 -10.18 -30.28 15.71
CA GLN B 121 -10.51 -31.48 16.51
C GLN B 121 -11.99 -31.80 16.33
N ALA B 122 -12.89 -30.83 16.53
CA ALA B 122 -14.35 -31.05 16.35
C ALA B 122 -14.64 -31.57 14.93
N ILE B 123 -13.97 -31.02 13.90
CA ILE B 123 -14.17 -31.45 12.48
C ILE B 123 -13.70 -32.90 12.37
N LEU B 124 -12.45 -33.14 12.77
CA LEU B 124 -11.76 -34.43 12.53
C LEU B 124 -12.37 -35.57 13.37
N THR B 125 -13.16 -35.30 14.41
CA THR B 125 -13.85 -36.33 15.23
C THR B 125 -15.34 -36.39 14.84
N GLY B 126 -15.75 -35.63 13.84
CA GLY B 126 -17.12 -35.65 13.27
C GLY B 126 -18.12 -35.00 14.18
N GLN B 127 -17.71 -34.31 15.26
CA GLN B 127 -18.67 -33.50 16.05
C GLN B 127 -19.37 -32.52 15.09
N VAL B 128 -18.59 -31.98 14.14
CA VAL B 128 -19.08 -31.04 13.09
C VAL B 128 -18.40 -31.43 11.77
N ARG B 129 -19.01 -31.05 10.65
CA ARG B 129 -18.43 -31.23 9.29
C ARG B 129 -17.41 -30.11 9.02
N ASN B 130 -17.75 -28.87 9.37
CA ASN B 130 -16.93 -27.69 9.03
C ASN B 130 -17.08 -26.65 10.13
N ALA B 131 -16.32 -25.55 10.08
CA ALA B 131 -16.27 -24.57 11.18
C ALA B 131 -15.78 -23.20 10.70
N VAL B 132 -16.25 -22.14 11.38
CA VAL B 132 -15.72 -20.74 11.28
C VAL B 132 -15.06 -20.38 12.64
N ALA B 133 -13.89 -19.71 12.61
CA ALA B 133 -13.14 -19.27 13.82
C ALA B 133 -12.99 -17.74 13.79
N ILE B 134 -13.79 -17.03 14.59
CA ILE B 134 -13.75 -15.55 14.73
C ILE B 134 -12.67 -15.22 15.77
N VAL B 135 -11.41 -15.20 15.35
CA VAL B 135 -10.21 -15.09 16.22
C VAL B 135 -9.33 -13.88 15.82
N ARG B 136 -8.59 -13.35 16.79
CA ARG B 136 -7.56 -12.31 16.59
C ARG B 136 -6.63 -12.39 17.80
N PRO B 137 -5.39 -11.84 17.74
CA PRO B 137 -4.82 -11.33 16.49
C PRO B 137 -4.70 -12.37 15.38
N PRO B 138 -4.50 -11.93 14.10
CA PRO B 138 -4.34 -12.85 12.98
C PRO B 138 -2.99 -13.54 13.09
N GLY B 139 -2.67 -14.41 12.14
CA GLY B 139 -1.52 -15.31 12.26
C GLY B 139 -0.62 -15.40 11.04
N HIS B 140 -1.06 -15.17 9.80
CA HIS B 140 -0.38 -15.72 8.59
C HIS B 140 0.99 -15.08 8.27
N HIS B 141 1.32 -13.91 8.83
CA HIS B 141 2.65 -13.27 8.67
C HIS B 141 3.62 -13.77 9.75
N ALA B 142 3.13 -14.44 10.79
CA ALA B 142 3.98 -14.98 11.88
C ALA B 142 4.91 -16.02 11.26
N GLU B 143 6.22 -15.87 11.47
CA GLU B 143 7.24 -16.84 11.00
C GLU B 143 7.59 -17.81 12.14
N LYS B 144 8.34 -18.88 11.81
CA LYS B 144 9.01 -19.77 12.80
C LYS B 144 9.64 -18.91 13.92
N ASP B 145 10.39 -17.85 13.52
CA ASP B 145 11.36 -17.13 14.38
C ASP B 145 10.90 -15.70 14.75
N THR B 146 9.79 -15.17 14.22
CA THR B 146 9.42 -13.76 14.55
C THR B 146 7.95 -13.45 14.32
N ALA B 147 7.43 -12.49 15.08
CA ALA B 147 6.12 -11.85 14.81
C ALA B 147 6.26 -10.96 13.57
N CYS B 148 5.14 -10.48 13.02
CA CYS B 148 5.10 -9.64 11.79
C CYS B 148 3.64 -9.30 11.43
N GLY B 149 3.42 -8.07 10.98
CA GLY B 149 2.17 -7.60 10.36
C GLY B 149 0.95 -7.93 11.19
N PHE B 150 0.98 -7.51 12.47
CA PHE B 150 -0.14 -7.63 13.42
C PHE B 150 -0.27 -9.09 13.90
N CYS B 151 0.66 -9.97 13.55
CA CYS B 151 0.60 -11.42 13.84
C CYS B 151 1.76 -11.87 14.75
N PHE B 152 1.45 -12.67 15.78
CA PHE B 152 2.41 -13.24 16.76
C PHE B 152 2.71 -14.71 16.49
N PHE B 153 1.67 -15.55 16.40
CA PHE B 153 1.83 -17.01 16.11
C PHE B 153 0.94 -17.37 14.90
N ASN B 154 1.41 -18.30 14.07
CA ASN B 154 0.77 -18.64 12.78
C ASN B 154 -0.38 -19.63 13.07
N THR B 155 -1.52 -19.08 13.50
CA THR B 155 -2.73 -19.84 13.83
C THR B 155 -3.05 -20.91 12.79
N ALA B 156 -3.00 -20.59 11.50
CA ALA B 156 -3.34 -21.54 10.42
C ALA B 156 -2.28 -22.64 10.34
N ALA B 157 -1.00 -22.29 10.38
CA ALA B 157 0.11 -23.25 10.26
C ALA B 157 0.10 -24.14 11.51
N LEU B 158 -0.21 -23.57 12.66
CA LEU B 158 -0.33 -24.29 13.94
C LEU B 158 -1.52 -25.28 13.87
N THR B 159 -2.69 -24.83 13.39
CA THR B 159 -3.88 -25.70 13.19
C THR B 159 -3.58 -26.84 12.22
N ALA B 160 -2.95 -26.57 11.07
CA ALA B 160 -2.49 -27.66 10.20
C ALA B 160 -1.74 -28.68 11.05
N ARG B 161 -0.72 -28.24 11.80
CA ARG B 161 0.17 -29.16 12.54
C ARG B 161 -0.61 -29.88 13.64
N TYR B 162 -1.48 -29.16 14.36
CA TYR B 162 -2.27 -29.73 15.48
C TYR B 162 -3.29 -30.75 14.96
N ALA B 163 -3.72 -30.62 13.70
CA ALA B 163 -4.64 -31.56 13.03
C ALA B 163 -3.88 -32.86 12.80
N GLN B 164 -2.66 -32.76 12.26
CA GLN B 164 -1.79 -33.92 11.98
C GLN B 164 -1.48 -34.64 13.30
N SER B 165 -1.14 -33.87 14.33
CA SER B 165 -0.69 -34.41 15.64
C SER B 165 -1.81 -35.24 16.30
N ILE B 166 -3.08 -34.83 16.14
CA ILE B 166 -4.29 -35.58 16.63
C ILE B 166 -4.87 -36.52 15.55
N THR B 167 -4.31 -36.64 14.35
CA THR B 167 -4.73 -37.66 13.37
C THR B 167 -3.50 -38.48 12.98
N ARG B 168 -3.01 -38.34 11.75
CA ARG B 168 -1.70 -38.89 11.31
C ARG B 168 -0.82 -37.72 10.83
N GLU B 169 0.49 -37.81 11.02
CA GLU B 169 1.44 -36.72 10.72
C GLU B 169 1.35 -36.33 9.23
N SER B 170 0.96 -37.28 8.36
CA SER B 170 0.87 -37.06 6.89
C SER B 170 -0.55 -36.62 6.45
N LEU B 171 -1.44 -36.26 7.37
CA LEU B 171 -2.81 -35.82 6.98
C LEU B 171 -2.67 -34.71 5.94
N ARG B 172 -3.24 -34.87 4.76
CA ARG B 172 -3.16 -33.86 3.68
C ARG B 172 -4.06 -32.66 4.05
N VAL B 173 -3.42 -31.53 4.36
CA VAL B 173 -4.09 -30.23 4.68
C VAL B 173 -3.82 -29.24 3.55
N LEU B 174 -4.90 -28.71 2.96
CA LEU B 174 -4.87 -27.53 2.06
C LEU B 174 -5.06 -26.27 2.92
N ILE B 175 -4.19 -25.28 2.79
CA ILE B 175 -4.42 -23.91 3.33
C ILE B 175 -4.65 -23.01 2.11
N VAL B 176 -5.84 -22.43 2.02
CA VAL B 176 -6.14 -21.35 1.02
C VAL B 176 -6.14 -20.04 1.78
N ASP B 177 -5.25 -19.14 1.35
CA ASP B 177 -5.00 -17.83 1.98
C ASP B 177 -5.49 -16.78 1.00
N TRP B 178 -6.67 -16.21 1.25
CA TRP B 178 -7.32 -15.21 0.37
C TRP B 178 -7.31 -13.85 1.07
N ASP B 179 -6.65 -13.78 2.22
CA ASP B 179 -6.21 -12.46 2.75
C ASP B 179 -5.49 -11.73 1.61
N VAL B 180 -5.68 -10.42 1.46
CA VAL B 180 -5.09 -9.64 0.34
C VAL B 180 -3.55 -9.62 0.42
N HIS B 181 -2.96 -9.93 1.58
CA HIS B 181 -1.48 -9.96 1.78
C HIS B 181 -0.99 -11.40 1.67
N HIS B 182 0.28 -11.59 1.30
CA HIS B 182 0.97 -12.90 1.30
C HIS B 182 1.21 -13.39 2.72
N GLY B 183 0.84 -14.65 2.98
CA GLY B 183 1.18 -15.32 4.26
C GLY B 183 2.63 -15.81 4.21
N ASN B 184 3.58 -14.87 4.21
CA ASN B 184 5.05 -15.16 4.30
C ASN B 184 5.28 -16.31 5.27
N GLY B 185 4.75 -16.21 6.49
CA GLY B 185 4.99 -17.17 7.59
C GLY B 185 4.50 -18.55 7.21
N THR B 186 3.25 -18.64 6.75
CA THR B 186 2.65 -19.92 6.34
C THR B 186 3.49 -20.54 5.22
N GLN B 187 3.82 -19.76 4.20
CA GLN B 187 4.65 -20.26 3.08
C GLN B 187 5.91 -20.89 3.67
N HIS B 188 6.62 -20.14 4.52
CA HIS B 188 7.96 -20.54 5.02
C HIS B 188 7.84 -21.77 5.93
N ILE B 189 6.83 -21.85 6.78
CA ILE B 189 6.64 -23.03 7.68
C ILE B 189 6.47 -24.32 6.85
N PHE B 190 5.86 -24.28 5.68
CA PHE B 190 5.46 -25.54 4.99
C PHE B 190 6.25 -25.71 3.70
N GLU B 191 7.26 -24.85 3.48
CA GLU B 191 7.94 -24.75 2.15
C GLU B 191 8.61 -26.08 1.78
N GLU B 192 9.01 -26.87 2.79
CA GLU B 192 9.67 -28.19 2.61
C GLU B 192 8.68 -29.33 2.95
N ASP B 193 7.37 -29.08 2.90
CA ASP B 193 6.34 -30.07 3.29
C ASP B 193 5.44 -30.40 2.09
N ASP B 194 5.34 -31.68 1.71
CA ASP B 194 4.38 -32.17 0.68
C ASP B 194 3.06 -32.58 1.33
N SER B 195 2.98 -32.52 2.66
CA SER B 195 1.80 -32.89 3.48
C SER B 195 0.86 -31.68 3.65
N VAL B 196 1.37 -30.45 3.57
CA VAL B 196 0.53 -29.23 3.61
C VAL B 196 0.71 -28.44 2.32
N LEU B 197 -0.36 -28.31 1.54
CA LEU B 197 -0.37 -27.51 0.28
C LEU B 197 -0.80 -26.09 0.62
N TYR B 198 0.03 -25.08 0.32
CA TYR B 198 -0.27 -23.66 0.60
C TYR B 198 -0.54 -22.98 -0.73
N ILE B 199 -1.72 -22.39 -0.84
CA ILE B 199 -2.16 -21.54 -1.97
C ILE B 199 -2.56 -20.16 -1.43
N SER B 200 -1.89 -19.12 -1.89
CA SER B 200 -2.18 -17.71 -1.50
C SER B 200 -2.55 -16.92 -2.76
N LEU B 201 -3.62 -16.13 -2.66
CA LEU B 201 -3.91 -15.01 -3.58
C LEU B 201 -3.59 -13.75 -2.81
N HIS B 202 -2.86 -12.82 -3.41
CA HIS B 202 -2.40 -11.61 -2.70
C HIS B 202 -2.03 -10.53 -3.68
N ARG B 203 -2.28 -9.30 -3.27
CA ARG B 203 -1.69 -8.13 -3.94
C ARG B 203 -0.16 -8.20 -3.73
N TYR B 204 0.60 -8.11 -4.81
CA TYR B 204 2.07 -8.21 -4.82
C TYR B 204 2.68 -6.89 -5.32
N GLU B 205 2.19 -6.37 -6.44
CA GLU B 205 2.69 -5.14 -7.11
C GLU B 205 4.22 -5.20 -7.19
N ASP B 206 4.78 -6.36 -7.51
CA ASP B 206 6.21 -6.48 -7.84
C ASP B 206 7.03 -6.23 -6.56
N GLY B 207 6.50 -6.61 -5.37
CA GLY B 207 7.17 -6.42 -4.07
C GLY B 207 6.80 -5.10 -3.38
N ALA B 208 6.05 -4.20 -4.03
CA ALA B 208 5.67 -2.90 -3.43
C ALA B 208 4.67 -3.14 -2.29
N PHE B 209 3.93 -4.24 -2.34
CA PHE B 209 2.82 -4.51 -1.39
C PHE B 209 3.35 -5.30 -0.19
N PHE B 210 2.93 -4.92 1.02
CA PHE B 210 3.24 -5.64 2.28
C PHE B 210 2.97 -7.14 2.09
N PRO B 211 3.87 -8.07 2.47
CA PRO B 211 5.10 -7.77 3.20
C PRO B 211 6.36 -7.53 2.35
N ASN B 212 6.26 -7.11 1.09
CA ASN B 212 7.38 -6.44 0.37
C ASN B 212 8.52 -7.43 0.04
N SER B 213 8.21 -8.72 -0.16
CA SER B 213 9.20 -9.78 -0.44
C SER B 213 8.85 -10.52 -1.74
N GLU B 214 9.88 -10.87 -2.52
CA GLU B 214 9.76 -11.66 -3.77
C GLU B 214 9.49 -13.14 -3.43
N ASP B 215 9.53 -13.53 -2.16
CA ASP B 215 9.02 -14.83 -1.65
C ASP B 215 7.56 -15.03 -2.09
N ALA B 216 6.80 -13.94 -2.27
CA ALA B 216 5.37 -13.92 -2.61
C ALA B 216 5.13 -14.14 -4.11
N ASN B 217 6.18 -14.16 -4.93
CA ASN B 217 6.02 -14.23 -6.40
C ASN B 217 5.69 -15.67 -6.81
N TYR B 218 5.10 -15.83 -8.00
CA TYR B 218 4.56 -17.09 -8.60
C TYR B 218 5.66 -18.17 -8.76
N ASP B 219 6.91 -17.75 -8.91
CA ASP B 219 8.05 -18.66 -9.23
C ASP B 219 8.53 -19.33 -7.94
N LYS B 220 7.94 -18.98 -6.79
CA LYS B 220 8.25 -19.64 -5.49
C LYS B 220 7.30 -20.82 -5.31
N VAL B 221 7.79 -22.05 -5.50
CA VAL B 221 6.96 -23.28 -5.70
C VAL B 221 7.21 -24.28 -4.58
N GLY B 222 8.06 -23.92 -3.63
CA GLY B 222 8.46 -24.78 -2.51
C GLY B 222 9.84 -25.37 -2.77
N LEU B 223 10.39 -26.10 -1.80
CA LEU B 223 11.77 -26.62 -1.85
C LEU B 223 11.79 -28.10 -1.45
N GLY B 224 12.65 -28.90 -2.10
CA GLY B 224 12.86 -30.33 -1.75
C GLY B 224 11.62 -31.16 -2.09
N LYS B 225 11.17 -32.00 -1.15
CA LYS B 225 9.94 -32.81 -1.32
C LYS B 225 8.73 -31.87 -1.38
N GLY B 226 8.83 -30.67 -0.79
CA GLY B 226 7.81 -29.60 -0.81
C GLY B 226 7.68 -28.87 -2.14
N ARG B 227 8.40 -29.27 -3.19
CA ARG B 227 8.37 -28.60 -4.51
C ARG B 227 7.01 -28.85 -5.19
N GLY B 228 6.30 -27.77 -5.56
CA GLY B 228 4.95 -27.78 -6.18
C GLY B 228 3.82 -27.54 -5.18
N TYR B 229 4.06 -27.67 -3.88
CA TYR B 229 3.04 -27.60 -2.80
C TYR B 229 3.01 -26.21 -2.16
N ASN B 230 3.40 -25.22 -2.95
CA ASN B 230 3.36 -23.79 -2.59
C ASN B 230 3.00 -22.99 -3.82
N VAL B 231 1.77 -22.51 -3.87
CA VAL B 231 1.19 -21.77 -5.00
C VAL B 231 0.88 -20.33 -4.56
N ASN B 232 1.72 -19.41 -5.01
CA ASN B 232 1.53 -17.94 -4.89
C ASN B 232 0.89 -17.45 -6.17
N ILE B 233 -0.26 -16.79 -6.04
CA ILE B 233 -1.01 -16.12 -7.14
C ILE B 233 -0.93 -14.62 -6.86
N PRO B 234 0.11 -13.95 -7.40
CA PRO B 234 0.40 -12.54 -7.10
C PRO B 234 -0.33 -11.61 -8.07
N TRP B 235 -1.13 -10.68 -7.55
CA TRP B 235 -1.80 -9.65 -8.36
C TRP B 235 -0.88 -8.45 -8.50
N ASN B 236 -0.92 -7.79 -9.67
CA ASN B 236 -0.15 -6.57 -10.02
C ASN B 236 -1.09 -5.64 -10.78
N GLY B 237 -0.98 -4.32 -10.62
CA GLY B 237 -1.74 -3.39 -11.47
C GLY B 237 -2.94 -2.78 -10.77
N GLY B 238 -2.98 -2.78 -9.42
CA GLY B 238 -4.03 -2.10 -8.66
C GLY B 238 -5.27 -2.95 -8.51
N LYS B 239 -6.42 -2.32 -8.41
CA LYS B 239 -7.74 -2.90 -8.08
C LYS B 239 -7.89 -4.28 -8.75
N MET B 240 -8.43 -5.25 -7.98
CA MET B 240 -9.03 -6.51 -8.45
C MET B 240 -10.33 -6.72 -7.65
N GLY B 241 -11.06 -7.77 -7.98
CA GLY B 241 -12.36 -8.02 -7.34
C GLY B 241 -12.88 -9.38 -7.69
N ASP B 242 -14.20 -9.56 -7.57
CA ASP B 242 -14.87 -10.86 -7.79
C ASP B 242 -14.32 -11.55 -9.03
N PRO B 243 -14.24 -10.89 -10.22
CA PRO B 243 -13.94 -11.58 -11.46
C PRO B 243 -12.55 -12.22 -11.49
N GLU B 244 -11.56 -11.49 -10.98
CA GLU B 244 -10.15 -11.96 -10.93
C GLU B 244 -10.08 -13.13 -9.93
N TYR B 245 -10.87 -13.11 -8.85
CA TYR B 245 -10.84 -14.19 -7.81
C TYR B 245 -11.53 -15.44 -8.39
N MET B 246 -12.69 -15.25 -9.03
CA MET B 246 -13.44 -16.33 -9.71
C MET B 246 -12.53 -17.00 -10.75
N ALA B 247 -11.90 -16.20 -11.60
CA ALA B 247 -11.00 -16.73 -12.64
C ALA B 247 -9.86 -17.52 -12.00
N ALA B 248 -9.30 -17.00 -10.90
CA ALA B 248 -8.14 -17.62 -10.20
C ALA B 248 -8.59 -18.96 -9.60
N PHE B 249 -9.82 -19.01 -9.09
CA PHE B 249 -10.40 -20.25 -8.52
C PHE B 249 -10.65 -21.26 -9.65
N HIS B 250 -11.29 -20.84 -10.74
CA HIS B 250 -11.58 -21.72 -11.91
C HIS B 250 -10.29 -22.35 -12.47
N HIS B 251 -9.23 -21.56 -12.73
CA HIS B 251 -8.05 -21.98 -13.53
C HIS B 251 -6.93 -22.57 -12.68
N LEU B 252 -6.85 -22.25 -11.38
CA LEU B 252 -5.63 -22.58 -10.61
C LEU B 252 -5.96 -23.33 -9.31
N VAL B 253 -6.80 -22.73 -8.48
CA VAL B 253 -6.97 -23.13 -7.06
C VAL B 253 -7.71 -24.47 -7.04
N MET B 254 -8.87 -24.53 -7.68
CA MET B 254 -9.73 -25.72 -7.67
C MET B 254 -9.07 -26.89 -8.43
N PRO B 255 -8.51 -26.71 -9.65
CA PRO B 255 -7.74 -27.81 -10.25
C PRO B 255 -6.64 -28.38 -9.33
N ILE B 256 -5.75 -27.54 -8.78
CA ILE B 256 -4.66 -27.99 -7.87
C ILE B 256 -5.30 -28.63 -6.63
N ALA B 257 -6.25 -27.95 -6.01
CA ALA B 257 -6.90 -28.44 -4.77
C ALA B 257 -7.48 -29.85 -5.01
N ARG B 258 -8.16 -30.06 -6.14
CA ARG B 258 -8.81 -31.36 -6.45
C ARG B 258 -7.75 -32.44 -6.67
N GLU B 259 -6.68 -32.15 -7.40
CA GLU B 259 -5.61 -33.15 -7.61
C GLU B 259 -4.93 -33.50 -6.27
N PHE B 260 -4.78 -32.57 -5.32
CA PHE B 260 -4.08 -32.82 -4.04
C PHE B 260 -4.96 -33.65 -3.08
N ALA B 261 -6.28 -33.59 -3.25
CA ALA B 261 -7.22 -34.44 -2.47
C ALA B 261 -6.99 -34.19 -0.99
N PRO B 262 -7.18 -32.92 -0.52
CA PRO B 262 -7.00 -32.58 0.88
C PRO B 262 -8.00 -33.35 1.76
N GLU B 263 -7.54 -33.78 2.94
CA GLU B 263 -8.45 -34.40 3.94
C GLU B 263 -9.01 -33.31 4.83
N LEU B 264 -8.39 -32.13 4.80
CA LEU B 264 -8.86 -30.97 5.57
C LEU B 264 -8.45 -29.72 4.79
N VAL B 265 -9.38 -28.74 4.73
CA VAL B 265 -9.17 -27.39 4.11
C VAL B 265 -9.22 -26.38 5.25
N LEU B 266 -8.14 -25.61 5.42
CA LEU B 266 -8.07 -24.40 6.25
C LEU B 266 -8.14 -23.19 5.35
N VAL B 267 -8.98 -22.22 5.69
CA VAL B 267 -8.96 -20.92 4.98
C VAL B 267 -8.32 -19.87 5.90
N SER B 268 -7.16 -19.34 5.51
CA SER B 268 -6.62 -18.06 6.05
C SER B 268 -7.48 -16.96 5.44
N ALA B 269 -8.65 -16.78 6.05
CA ALA B 269 -9.77 -15.93 5.59
C ALA B 269 -9.58 -14.51 6.10
N GLY B 270 -8.55 -13.79 5.62
CA GLY B 270 -8.55 -12.32 5.61
C GLY B 270 -9.67 -11.79 4.72
N PHE B 271 -10.32 -10.70 5.14
CA PHE B 271 -11.38 -10.00 4.39
C PHE B 271 -10.86 -8.60 4.08
N ASP B 272 -9.54 -8.49 3.86
CA ASP B 272 -8.96 -7.20 3.46
C ASP B 272 -8.86 -7.10 1.93
N ALA B 273 -9.36 -8.08 1.15
CA ALA B 273 -9.57 -7.92 -0.30
C ALA B 273 -10.97 -7.33 -0.53
N ALA B 274 -11.75 -7.14 0.53
CA ALA B 274 -13.14 -6.66 0.53
C ALA B 274 -13.23 -5.20 0.08
N ARG B 275 -14.27 -4.93 -0.72
CA ARG B 275 -14.86 -3.58 -0.91
C ARG B 275 -14.85 -2.83 0.42
N GLY B 276 -14.29 -1.61 0.39
CA GLY B 276 -14.27 -0.65 1.50
C GLY B 276 -13.08 -0.86 2.41
N ASP B 277 -12.17 -1.79 2.09
CA ASP B 277 -11.00 -2.04 2.97
C ASP B 277 -9.97 -0.95 2.68
N PRO B 278 -9.52 -0.20 3.71
CA PRO B 278 -8.56 0.88 3.49
C PRO B 278 -7.13 0.37 3.27
N LEU B 279 -6.83 -0.89 3.58
CA LEU B 279 -5.46 -1.44 3.38
C LEU B 279 -5.35 -2.35 2.14
N GLY B 280 -6.45 -2.88 1.58
CA GLY B 280 -6.38 -3.80 0.43
C GLY B 280 -6.44 -3.07 -0.91
N GLY B 281 -7.33 -2.09 -1.04
CA GLY B 281 -7.57 -1.37 -2.31
C GLY B 281 -8.26 -2.25 -3.33
N PHE B 282 -8.86 -3.37 -2.93
CA PHE B 282 -9.52 -4.36 -3.83
C PHE B 282 -11.04 -4.25 -3.67
N GLN B 283 -11.83 -5.05 -4.39
CA GLN B 283 -13.31 -4.84 -4.43
C GLN B 283 -14.03 -6.18 -4.38
N VAL B 284 -13.60 -7.11 -3.51
CA VAL B 284 -14.30 -8.42 -3.37
C VAL B 284 -15.55 -8.19 -2.52
N THR B 285 -16.68 -8.75 -2.96
CA THR B 285 -18.03 -8.55 -2.34
C THR B 285 -18.31 -9.68 -1.36
N PRO B 286 -19.23 -9.49 -0.41
CA PRO B 286 -19.63 -10.60 0.43
C PRO B 286 -20.03 -11.85 -0.40
N GLU B 287 -20.63 -11.62 -1.58
CA GLU B 287 -21.22 -12.66 -2.44
C GLU B 287 -20.06 -13.38 -3.13
N GLY B 288 -19.00 -12.63 -3.45
CA GLY B 288 -17.72 -13.16 -3.94
C GLY B 288 -17.11 -14.14 -2.96
N TYR B 289 -16.96 -13.75 -1.69
CA TYR B 289 -16.46 -14.62 -0.59
C TYR B 289 -17.37 -15.85 -0.47
N ALA B 290 -18.70 -15.66 -0.41
CA ALA B 290 -19.71 -16.74 -0.42
C ALA B 290 -19.35 -17.77 -1.47
N HIS B 291 -19.12 -17.35 -2.71
CA HIS B 291 -18.87 -18.25 -3.87
C HIS B 291 -17.53 -18.99 -3.73
N LEU B 292 -16.49 -18.32 -3.24
CA LEU B 292 -15.16 -18.94 -2.96
C LEU B 292 -15.32 -20.05 -1.92
N THR B 293 -16.08 -19.77 -0.87
CA THR B 293 -16.35 -20.72 0.23
C THR B 293 -17.03 -21.96 -0.40
N HIS B 294 -18.09 -21.72 -1.16
CA HIS B 294 -18.95 -22.78 -1.77
C HIS B 294 -18.08 -23.68 -2.66
N GLN B 295 -17.18 -23.08 -3.41
CA GLN B 295 -16.21 -23.85 -4.25
C GLN B 295 -15.32 -24.71 -3.34
N LEU B 296 -14.80 -24.17 -2.24
CA LEU B 296 -13.91 -24.95 -1.32
C LEU B 296 -14.68 -26.07 -0.62
N MET B 297 -15.99 -25.94 -0.49
CA MET B 297 -16.81 -27.00 0.17
C MET B 297 -16.95 -28.24 -0.70
N SER B 298 -16.58 -28.18 -1.97
CA SER B 298 -16.52 -29.36 -2.86
C SER B 298 -15.25 -30.19 -2.56
N LEU B 299 -14.32 -29.70 -1.75
CA LEU B 299 -13.07 -30.43 -1.35
C LEU B 299 -13.25 -31.03 0.04
N ALA B 300 -12.48 -32.06 0.35
CA ALA B 300 -12.32 -32.70 1.68
C ALA B 300 -13.70 -33.02 2.28
N ALA B 301 -14.63 -33.42 1.42
CA ALA B 301 -16.03 -33.75 1.76
C ALA B 301 -16.66 -32.60 2.53
N GLY B 302 -16.34 -31.35 2.19
CA GLY B 302 -16.89 -30.15 2.86
C GLY B 302 -16.22 -29.84 4.20
N ARG B 303 -15.07 -30.45 4.52
CA ARG B 303 -14.38 -30.26 5.83
C ARG B 303 -13.42 -29.07 5.74
N VAL B 304 -13.99 -27.91 5.99
CA VAL B 304 -13.41 -26.55 5.74
C VAL B 304 -13.47 -25.80 7.07
N LEU B 305 -12.31 -25.33 7.52
CA LEU B 305 -12.20 -24.49 8.73
C LEU B 305 -11.78 -23.08 8.28
N ILE B 306 -12.68 -22.12 8.38
CA ILE B 306 -12.43 -20.70 8.03
C ILE B 306 -11.87 -19.97 9.27
N ILE B 307 -10.63 -19.48 9.19
CA ILE B 307 -9.88 -18.79 10.30
C ILE B 307 -9.78 -17.30 9.91
N LEU B 308 -10.40 -16.39 10.66
CA LEU B 308 -10.21 -14.93 10.42
C LEU B 308 -8.72 -14.63 10.48
N GLU B 309 -8.25 -13.81 9.53
CA GLU B 309 -6.89 -13.22 9.47
C GLU B 309 -7.11 -11.71 9.50
N GLY B 310 -6.83 -10.98 8.41
CA GLY B 310 -7.00 -9.53 8.32
C GLY B 310 -8.40 -9.15 7.85
N GLY B 311 -8.62 -7.87 7.52
CA GLY B 311 -9.93 -7.29 7.19
C GLY B 311 -10.31 -6.23 8.20
N TYR B 312 -10.28 -4.98 7.80
CA TYR B 312 -10.26 -3.78 8.67
C TYR B 312 -11.46 -2.87 8.40
N ASN B 313 -12.31 -3.18 7.41
CA ASN B 313 -13.63 -2.50 7.32
C ASN B 313 -14.63 -3.35 8.10
N LEU B 314 -15.17 -2.81 9.19
CA LEU B 314 -15.97 -3.60 10.17
C LEU B 314 -17.24 -4.15 9.50
N THR B 315 -17.90 -3.36 8.66
CA THR B 315 -19.11 -3.77 7.90
C THR B 315 -18.74 -4.83 6.87
N SER B 316 -17.63 -4.59 6.16
CA SER B 316 -17.13 -5.45 5.05
C SER B 316 -16.84 -6.83 5.63
N ILE B 317 -16.09 -6.94 6.72
CA ILE B 317 -15.64 -8.26 7.26
C ILE B 317 -16.83 -9.00 7.90
N SER B 318 -17.68 -8.26 8.61
CA SER B 318 -18.89 -8.78 9.33
C SER B 318 -19.81 -9.48 8.34
N GLU B 319 -20.16 -8.78 7.27
CA GLU B 319 -20.97 -9.27 6.13
C GLU B 319 -20.26 -10.45 5.44
N SER B 320 -18.99 -10.28 5.06
CA SER B 320 -18.25 -11.28 4.24
C SER B 320 -18.15 -12.60 5.00
N MET B 321 -17.68 -12.59 6.24
CA MET B 321 -17.47 -13.84 7.01
C MET B 321 -18.81 -14.52 7.34
N SER B 322 -19.88 -13.75 7.57
CA SER B 322 -21.27 -14.23 7.79
C SER B 322 -21.71 -15.11 6.62
N MET B 323 -21.57 -14.55 5.41
CA MET B 323 -21.82 -15.20 4.12
C MET B 323 -21.05 -16.51 4.04
N CYS B 324 -19.78 -16.54 4.44
CA CYS B 324 -18.94 -17.77 4.36
C CYS B 324 -19.56 -18.83 5.27
N THR B 325 -20.00 -18.45 6.48
CA THR B 325 -20.63 -19.36 7.46
C THR B 325 -21.92 -19.92 6.85
N SER B 326 -22.74 -19.03 6.27
CA SER B 326 -23.97 -19.38 5.52
C SER B 326 -23.65 -20.51 4.54
N MET B 327 -22.60 -20.36 3.74
CA MET B 327 -22.20 -21.40 2.75
C MET B 327 -21.81 -22.69 3.49
N LEU B 328 -21.07 -22.58 4.61
CA LEU B 328 -20.70 -23.77 5.44
C LEU B 328 -21.96 -24.48 5.95
N LEU B 329 -22.98 -23.73 6.36
CA LEU B 329 -24.26 -24.26 6.92
C LEU B 329 -25.06 -24.94 5.80
N GLY B 330 -24.76 -24.63 4.53
CA GLY B 330 -25.35 -25.27 3.35
C GLY B 330 -26.33 -24.36 2.62
N ASP B 331 -26.53 -23.11 3.07
CA ASP B 331 -27.45 -22.16 2.37
C ASP B 331 -26.94 -22.05 0.92
N SER B 332 -27.82 -21.70 -0.01
CA SER B 332 -27.47 -21.71 -1.46
C SER B 332 -26.69 -20.44 -1.77
N PRO B 333 -25.68 -20.48 -2.66
CA PRO B 333 -24.86 -19.31 -2.95
C PRO B 333 -25.77 -18.16 -3.38
N PRO B 334 -25.40 -16.89 -3.10
CA PRO B 334 -26.03 -15.75 -3.76
C PRO B 334 -25.44 -15.56 -5.16
N SER B 335 -26.17 -14.86 -6.03
CA SER B 335 -25.77 -14.62 -7.44
C SER B 335 -24.65 -13.57 -7.48
N LEU B 336 -23.75 -13.67 -8.45
CA LEU B 336 -22.73 -12.63 -8.73
C LEU B 336 -23.37 -11.54 -9.59
N ASP B 337 -22.97 -10.27 -9.39
CA ASP B 337 -23.51 -9.12 -10.16
C ASP B 337 -22.85 -9.09 -11.53
N HIS B 338 -23.29 -8.19 -12.42
CA HIS B 338 -22.80 -8.05 -13.81
C HIS B 338 -21.34 -7.57 -13.75
N LEU B 339 -20.43 -8.46 -13.34
CA LEU B 339 -18.98 -8.14 -13.14
C LEU B 339 -18.15 -9.00 -14.11
N THR B 340 -17.35 -8.33 -14.94
CA THR B 340 -16.51 -8.97 -15.98
C THR B 340 -15.18 -8.30 -16.30
N PRO B 341 -14.78 -7.15 -15.69
CA PRO B 341 -13.64 -6.41 -16.21
C PRO B 341 -12.31 -7.12 -15.82
N LEU B 342 -11.85 -8.09 -16.63
CA LEU B 342 -10.69 -8.96 -16.31
C LEU B 342 -9.37 -8.28 -16.70
N LYS B 343 -8.77 -7.59 -15.73
CA LYS B 343 -7.49 -6.84 -15.86
C LYS B 343 -6.47 -7.75 -16.55
N THR B 344 -5.78 -7.23 -17.56
CA THR B 344 -4.76 -7.98 -18.36
C THR B 344 -3.62 -8.46 -17.45
N SER B 345 -3.29 -7.66 -16.43
CA SER B 345 -2.27 -8.06 -15.43
C SER B 345 -2.81 -9.27 -14.64
N ALA B 346 -4.10 -9.30 -14.30
CA ALA B 346 -4.75 -10.48 -13.66
C ALA B 346 -4.59 -11.72 -14.57
N THR B 347 -5.00 -11.63 -15.85
CA THR B 347 -4.71 -12.65 -16.90
C THR B 347 -3.24 -13.09 -16.91
N VAL B 348 -2.30 -12.15 -16.86
CA VAL B 348 -0.83 -12.43 -16.92
C VAL B 348 -0.39 -13.16 -15.64
N SER B 349 -0.90 -12.73 -14.49
CA SER B 349 -0.63 -13.38 -13.17
C SER B 349 -1.03 -14.86 -13.28
N ILE B 350 -2.25 -15.12 -13.72
CA ILE B 350 -2.78 -16.53 -13.84
C ILE B 350 -1.85 -17.35 -14.76
N ASN B 351 -1.34 -16.75 -15.86
CA ASN B 351 -0.40 -17.42 -16.79
C ASN B 351 0.94 -17.70 -16.12
N ASN B 352 1.50 -16.75 -15.37
CA ASN B 352 2.78 -16.99 -14.64
C ASN B 352 2.60 -18.19 -13.70
N VAL B 353 1.44 -18.27 -13.05
CA VAL B 353 1.19 -19.36 -12.07
C VAL B 353 1.18 -20.69 -12.84
N LEU B 354 0.48 -20.75 -13.96
CA LEU B 354 0.52 -21.91 -14.90
C LEU B 354 1.97 -22.37 -15.18
N ARG B 355 2.89 -21.47 -15.58
CA ARG B 355 4.26 -21.87 -15.99
C ARG B 355 4.98 -22.41 -14.76
N ALA B 356 4.70 -21.80 -13.63
CA ALA B 356 5.35 -22.13 -12.36
C ALA B 356 4.95 -23.55 -11.96
N HIS B 357 3.68 -23.93 -12.18
CA HIS B 357 3.06 -25.07 -11.43
C HIS B 357 2.77 -26.30 -12.31
N ALA B 358 2.66 -26.15 -13.64
CA ALA B 358 2.50 -27.28 -14.60
C ALA B 358 3.58 -28.36 -14.48
N PRO B 359 4.84 -28.06 -14.06
CA PRO B 359 5.80 -29.15 -13.77
C PRO B 359 5.39 -30.18 -12.71
N PHE B 360 4.33 -29.87 -11.93
CA PHE B 360 3.93 -30.65 -10.72
C PHE B 360 2.47 -31.15 -10.78
N TRP B 361 1.57 -30.45 -11.48
CA TRP B 361 0.09 -30.57 -11.37
C TRP B 361 -0.52 -30.90 -12.74
N SER B 362 -0.87 -32.17 -12.94
CA SER B 362 -1.44 -32.65 -14.23
C SER B 362 -2.71 -31.88 -14.52
N SER B 363 -3.46 -31.46 -13.48
CA SER B 363 -4.78 -30.76 -13.62
C SER B 363 -4.64 -29.42 -14.35
N LEU B 364 -3.45 -28.85 -14.41
CA LEU B 364 -3.21 -27.52 -15.04
C LEU B 364 -2.96 -27.67 -16.54
N ARG B 365 -2.45 -28.84 -16.97
CA ARG B 365 -2.04 -29.11 -18.38
C ARG B 365 -3.29 -29.25 -19.26
C4 UZW C . 2.16 3.06 -6.88
C5 UZW C . 3.15 2.39 -7.58
C6 UZW C . 3.27 0.88 -7.54
C11 UZW C . -1.10 0.22 -10.49
C7 UZW C . 0.91 -0.11 -7.20
C8 UZW C . 0.37 -0.05 -8.56
C9 UZW C . 1.01 -0.32 -9.73
C10 UZW C . 0.14 -0.19 -10.83
C12 UZW C . 4.04 3.13 -8.32
C13 UZW C . 3.96 4.51 -8.35
N1 UZW C . 2.02 7.26 -6.96
N2 UZW C . 2.17 0.26 -6.82
C3 UZW C . 2.09 4.44 -6.89
N3 UZW C . 2.33 -0.04 -5.53
O1 UZW C . 3.49 7.30 -8.64
C1 UZW C . 2.89 6.66 -7.76
O2 UZW C . 1.87 8.63 -7.09
C2 UZW C . 2.98 5.18 -7.65
N4 UZW C . 1.22 -0.60 -5.15
N5 UZW C . 0.31 -0.62 -6.15
S1 UZW C . -1.29 0.36 -8.80
ZN ZN D . 2.55 9.28 -5.29
K K E . 19.56 18.29 -0.99
K K F . 6.41 12.95 -0.78
I IOD G . -5.44 2.54 8.22
I IOD H . 2.56 -0.31 -14.08
C1 GOL I . -13.42 17.10 -20.20
O1 GOL I . -12.78 18.27 -19.71
C2 GOL I . -13.57 16.10 -19.07
O2 GOL I . -14.12 16.75 -17.94
C3 GOL I . -12.26 15.44 -18.66
O3 GOL I . -11.50 15.00 -19.78
C1 GOL J . 1.43 2.36 -2.50
O1 GOL J . 0.44 3.25 -3.02
C2 GOL J . 0.95 0.92 -2.33
O2 GOL J . -0.45 0.87 -2.02
C3 GOL J . 1.72 0.15 -1.28
O3 GOL J . 3.14 0.15 -1.49
C1 PEG K . -13.97 10.44 2.43
O1 PEG K . -13.21 9.71 3.40
C2 PEG K . -13.64 10.06 1.00
O2 PEG K . -14.11 11.06 0.13
C3 PEG K . -14.12 10.64 -1.21
C4 PEG K . -14.40 11.79 -2.07
O4 PEG K . -14.91 11.38 -3.32
C1 EDO L . -6.33 23.13 -24.04
O1 EDO L . -6.86 24.39 -23.67
C2 EDO L . -4.88 23.18 -24.41
O2 EDO L . -4.37 21.94 -24.78
C1 EDO M . 12.49 32.45 1.93
O1 EDO M . 13.45 32.92 1.03
C2 EDO M . 11.84 33.54 2.67
O2 EDO M . 11.70 33.18 4.00
I IOD N . -5.71 1.28 -8.34
C4 UZW O . 1.05 -4.85 8.21
C5 UZW O . 0.81 -3.74 7.42
C6 UZW O . 1.82 -2.63 7.34
C11 UZW O . -1.43 0.46 10.33
C7 UZW O . 0.49 -0.44 7.13
C8 UZW O . -0.02 -0.26 8.47
C9 UZW O . 0.59 -0.47 9.67
C10 UZW O . -0.29 -0.16 10.73
C12 UZW O . -0.38 -3.70 6.70
C13 UZW O . -1.30 -4.74 6.76
N1 UZW O . -3.07 -7.05 6.97
N2 UZW O . 1.30 -1.43 6.69
C3 UZW O . 0.15 -5.90 8.25
N3 UZW O . 1.61 -1.19 5.41
O1 UZW O . -1.89 -7.85 8.65
C1 UZW O . -2.00 -7.02 7.72
O2 UZW O . -3.96 -8.09 7.18
C2 UZW O . -1.04 -5.87 7.54
N4 UZW O . 1.03 -0.07 5.11
N5 UZW O . 0.31 0.41 6.14
S1 UZW O . -1.52 0.55 8.63
ZN ZN P . -3.92 -8.97 5.19
K K Q . 3.94 -26.63 1.22
K K R . -3.19 -14.24 0.74
I IOD S . 1.76 -1.25 13.97
C1 GOL T . -21.21 -33.86 9.96
O1 GOL T . -19.90 -34.31 9.63
C2 GOL T . -21.79 -34.60 11.16
O2 GOL T . -23.21 -34.56 11.11
C3 GOL T . -21.35 -36.04 11.25
O3 GOL T . -20.21 -36.19 12.09
C1 GOL U . 11.79 -11.35 -9.13
O1 GOL U . 10.64 -10.98 -9.88
C2 GOL U . 11.54 -12.56 -8.25
O2 GOL U . 10.49 -13.38 -8.77
C3 GOL U . 12.80 -13.39 -8.05
O3 GOL U . 12.89 -13.87 -6.72
C1 GOL V . -0.47 -2.77 2.77
O1 GOL V . -1.87 -2.79 3.07
C2 GOL V . -0.09 -1.60 1.89
O2 GOL V . -0.90 -0.45 2.21
C3 GOL V . 1.38 -1.24 1.97
O3 GOL V . 2.24 -2.23 1.40
C1 PEG W . -11.22 -38.28 10.28
O1 PEG W . -10.52 -37.65 11.35
C2 PEG W . -10.47 -38.17 8.99
O2 PEG W . -9.08 -38.42 9.22
C3 PEG W . -8.36 -38.77 8.04
C4 PEG W . -6.94 -39.20 8.35
O4 PEG W . -6.70 -39.40 9.70
C1 PEG X . 2.43 -32.56 -6.83
O1 PEG X . 1.62 -33.68 -6.42
C2 PEG X . 3.89 -32.93 -7.06
O2 PEG X . 4.00 -34.01 -8.00
C3 PEG X . 5.08 -34.91 -7.74
C4 PEG X . 6.36 -34.27 -8.16
O4 PEG X . 6.16 -33.23 -9.10
C2 PEG Y . 3.05 3.92 32.22
O2 PEG Y . 4.26 3.97 31.46
C3 PEG Y . 5.28 3.15 32.01
C4 PEG Y . 6.29 2.87 30.96
O4 PEG Y . 7.14 1.74 31.23
C1 EDO Z . -11.62 -33.91 -3.09
O1 EDO Z . -12.00 -33.05 -4.12
C2 EDO Z . -10.75 -33.22 -2.19
O2 EDO Z . -10.53 -33.93 -0.99
C1 B3P AA . 13.73 -16.69 2.01
C2 B3P AA . 14.35 -15.35 2.28
C3 B3P AA . 13.72 -17.04 0.56
N1 B3P AA . 13.17 -18.36 0.33
C4 B3P AA . 12.80 -18.70 -1.06
C5 B3P AA . 11.44 -18.07 -1.36
C6 B3P AA . 13.90 -18.20 -2.00
C7 B3P AA . 12.68 -20.23 -1.16
N2 B3P AA . 13.52 -14.24 1.81
C8 B3P AA . 13.57 -12.96 2.57
C9 B3P AA . 14.92 -12.29 2.32
C10 B3P AA . 13.38 -13.15 4.09
C11 B3P AA . 12.45 -12.04 2.07
O1 B3P AA . 15.99 -13.17 2.59
O2 B3P AA . 12.44 -14.17 4.38
O3 B3P AA . 12.62 -11.74 0.69
O4 B3P AA . 10.68 -18.06 -0.17
O5 B3P AA . 15.19 -18.64 -1.58
O6 B3P AA . 12.13 -20.64 -2.40
#